data_9BMK
#
_entry.id   9BMK
#
_cell.length_a   107.550
_cell.length_b   107.550
_cell.length_c   232.220
_cell.angle_alpha   90.000
_cell.angle_beta   90.000
_cell.angle_gamma   120.000
#
_symmetry.space_group_name_H-M   'P 32 2 1'
#
loop_
_entity.id
_entity.type
_entity.pdbx_description
1 polymer 'Cellulase (Glycosyl hydrolase family 5)'
2 branched beta-D-glucopyranose-(1-4)-beta-D-glucopyranose-(1-4)-beta-D-glucopyranose
3 non-polymer 'SULFATE ION'
4 water water
#
_entity_poly.entity_id   1
_entity_poly.type   'polypeptide(L)'
_entity_poly.pdbx_seq_one_letter_code
;SNATAQQWNKDVVGWNLGNEFECSAPGQDGESMQIGNPDGSIHAETAWGNPVVTKKMIQAVKKAGFNAIRIPIRWQCHIT
NAQAMSIDKAWIARIKEVVGWCLDNGLKVIINVHHEKWLESRPTYQYKEENCQKLALLWMNIASEFANYDSRLAFAGTNE
VHIRDNWGKPTAENLEVQNAYNQIFVDVVRATGGNNAKRHLILQTYVCNPWFGIENGDFIIPKDAEGNGNNYMSVEFHYY
QPWSYAGDCTYDYWGDAYKDAGKIPADNEKTMTDFFDKAVNTWSNKGLGIVIGAWGVTDHYKSNSEKVHENMTYYCKFLT
TEARKRGFSTFVWDNNHFGNGSEKYGIFDRFKSMKVNAPWILEGIF
;
_entity_poly.pdbx_strand_id   A,B
#
# COMPACT_ATOMS: atom_id res chain seq x y z
N SER A 1 -30.46 -24.78 -4.14
CA SER A 1 -29.79 -25.56 -3.10
C SER A 1 -28.47 -26.19 -3.62
N ASN A 2 -28.55 -26.77 -4.83
CA ASN A 2 -27.51 -27.56 -5.51
C ASN A 2 -27.65 -27.33 -7.01
N ALA A 3 -27.13 -26.21 -7.49
CA ALA A 3 -27.07 -25.95 -8.92
C ALA A 3 -25.83 -26.60 -9.50
N THR A 4 -25.95 -27.16 -10.71
CA THR A 4 -24.79 -27.70 -11.40
C THR A 4 -23.91 -26.57 -11.90
N ALA A 5 -22.71 -26.93 -12.39
CA ALA A 5 -21.83 -25.95 -13.00
C ALA A 5 -22.52 -25.22 -14.15
N GLN A 6 -23.13 -25.97 -15.09
CA GLN A 6 -23.71 -25.32 -16.26
C GLN A 6 -24.92 -24.47 -15.88
N GLN A 7 -25.74 -24.93 -14.94
CA GLN A 7 -26.85 -24.10 -14.43
C GLN A 7 -26.32 -22.82 -13.78
N TRP A 8 -25.35 -22.94 -12.88
CA TRP A 8 -24.77 -21.77 -12.24
C TRP A 8 -24.26 -20.77 -13.27
N ASN A 9 -23.49 -21.25 -14.25
CA ASN A 9 -22.85 -20.36 -15.23
C ASN A 9 -23.82 -19.69 -16.20
N LYS A 10 -25.03 -20.21 -16.35
CA LYS A 10 -25.91 -19.80 -17.44
C LYS A 10 -26.33 -18.33 -17.30
N ASP A 11 -26.08 -17.56 -18.36
CA ASP A 11 -26.37 -16.12 -18.45
C ASP A 11 -25.63 -15.28 -17.41
N VAL A 12 -24.58 -15.77 -16.78
CA VAL A 12 -23.90 -15.01 -15.74
C VAL A 12 -22.88 -14.09 -16.42
N VAL A 13 -23.13 -12.79 -16.40
CA VAL A 13 -22.16 -11.82 -16.86
C VAL A 13 -21.77 -10.98 -15.65
N GLY A 14 -20.52 -11.12 -15.23
CA GLY A 14 -20.10 -10.52 -13.98
C GLY A 14 -18.90 -9.61 -14.06
N TRP A 15 -18.34 -9.31 -12.89
CA TRP A 15 -17.44 -8.18 -12.70
C TRP A 15 -16.43 -8.52 -11.62
N ASN A 16 -15.16 -8.21 -11.87
CA ASN A 16 -14.10 -8.49 -10.92
C ASN A 16 -13.86 -7.30 -10.00
N LEU A 17 -13.77 -7.56 -8.69
CA LEU A 17 -13.42 -6.56 -7.68
C LEU A 17 -11.90 -6.47 -7.59
N GLY A 18 -11.29 -6.01 -8.69
CA GLY A 18 -9.86 -6.17 -8.87
C GLY A 18 -9.04 -5.17 -8.05
N ASN A 19 -7.82 -5.58 -7.72
CA ASN A 19 -6.87 -4.80 -6.91
C ASN A 19 -7.51 -4.33 -5.61
N GLU A 20 -8.08 -5.29 -4.85
CA GLU A 20 -8.64 -5.01 -3.53
C GLU A 20 -8.14 -6.05 -2.55
N PHE A 21 -8.82 -7.19 -2.46
CA PHE A 21 -8.43 -8.16 -1.45
C PHE A 21 -7.34 -9.09 -1.92
N GLU A 22 -6.82 -8.92 -3.12
CA GLU A 22 -5.65 -9.69 -3.53
C GLU A 22 -4.36 -8.86 -3.46
N CYS A 23 -4.43 -7.64 -2.93
CA CYS A 23 -3.20 -6.85 -2.76
C CYS A 23 -2.27 -7.53 -1.78
N SER A 24 -0.97 -7.31 -1.97
CA SER A 24 -0.02 -7.79 -0.98
C SER A 24 -0.10 -6.90 0.25
N ALA A 25 0.51 -7.37 1.31
CA ALA A 25 0.45 -6.67 2.58
C ALA A 25 1.02 -5.26 2.40
N PRO A 26 0.46 -4.27 3.09
CA PRO A 26 1.03 -2.91 3.02
C PRO A 26 2.55 -2.89 2.94
N GLY A 27 3.08 -2.33 1.84
CA GLY A 27 4.51 -2.07 1.76
C GLY A 27 5.34 -3.30 1.48
N GLN A 28 4.71 -4.41 1.09
CA GLN A 28 5.41 -5.65 0.81
C GLN A 28 5.51 -5.85 -0.70
N ASP A 29 6.54 -6.57 -1.11
CA ASP A 29 6.77 -6.86 -2.50
C ASP A 29 5.71 -7.85 -2.99
N GLY A 30 4.99 -7.49 -4.06
CA GLY A 30 3.90 -8.32 -4.56
C GLY A 30 4.32 -9.70 -5.04
N GLU A 31 5.60 -9.88 -5.38
CA GLU A 31 6.14 -11.17 -5.78
C GLU A 31 6.65 -11.99 -4.61
N SER A 32 6.48 -11.52 -3.38
CA SER A 32 7.09 -12.23 -2.28
C SER A 32 6.30 -13.50 -1.96
N MET A 33 7.03 -14.56 -1.65
CA MET A 33 6.49 -15.88 -1.32
C MET A 33 6.35 -16.15 0.17
N GLN A 34 6.51 -15.13 1.00
CA GLN A 34 6.50 -15.27 2.46
C GLN A 34 5.08 -15.45 3.00
N ILE A 35 4.94 -16.34 3.97
CA ILE A 35 3.67 -16.62 4.62
C ILE A 35 3.72 -16.07 6.04
N GLY A 36 2.82 -15.15 6.36
CA GLY A 36 2.64 -14.75 7.75
C GLY A 36 1.54 -13.73 7.87
N ASN A 37 1.63 -12.89 8.89
CA ASN A 37 0.57 -11.94 9.21
C ASN A 37 1.20 -10.63 9.72
N PRO A 38 1.84 -9.87 8.83
CA PRO A 38 2.42 -8.58 9.25
C PRO A 38 1.37 -7.68 9.87
N ASP A 39 1.82 -6.79 10.79
CA ASP A 39 0.88 -5.83 11.35
C ASP A 39 0.42 -4.86 10.27
N GLY A 40 -0.82 -4.41 10.37
CA GLY A 40 -1.45 -3.66 9.30
C GLY A 40 -2.03 -4.49 8.15
N SER A 41 -1.78 -5.81 8.09
CA SER A 41 -2.21 -6.56 6.91
C SER A 41 -3.73 -6.61 6.77
N ILE A 42 -4.48 -6.58 7.88
CA ILE A 42 -5.93 -6.51 7.82
C ILE A 42 -6.42 -5.35 6.95
N HIS A 43 -5.61 -4.30 6.77
CA HIS A 43 -6.02 -3.15 5.96
C HIS A 43 -5.51 -3.23 4.53
N ALA A 44 -4.95 -4.38 4.12
CA ALA A 44 -4.30 -4.50 2.82
C ALA A 44 -5.20 -4.18 1.63
N GLU A 45 -6.51 -4.01 1.80
CA GLU A 45 -7.29 -3.72 0.60
C GLU A 45 -6.97 -2.36 0.00
N THR A 46 -6.26 -1.50 0.71
CA THR A 46 -5.92 -0.19 0.18
C THR A 46 -4.48 -0.12 -0.34
N ALA A 47 -3.70 -1.20 -0.18
CA ALA A 47 -2.26 -1.12 -0.41
C ALA A 47 -1.90 -0.76 -1.84
N TRP A 48 -2.72 -1.12 -2.81
CA TRP A 48 -2.42 -0.80 -4.20
C TRP A 48 -3.17 0.43 -4.69
N GLY A 49 -3.77 1.20 -3.78
CA GLY A 49 -4.27 2.50 -4.16
C GLY A 49 -5.74 2.59 -4.45
N ASN A 50 -6.52 1.62 -4.01
CA ASN A 50 -7.97 1.65 -4.17
C ASN A 50 -8.62 1.77 -2.79
N PRO A 51 -9.88 2.19 -2.72
CA PRO A 51 -10.48 2.50 -1.41
C PRO A 51 -10.96 1.23 -0.70
N VAL A 52 -11.31 1.42 0.57
CA VAL A 52 -12.03 0.38 1.30
C VAL A 52 -13.33 0.07 0.59
N VAL A 53 -13.65 -1.22 0.40
CA VAL A 53 -14.88 -1.55 -0.31
C VAL A 53 -16.07 -1.25 0.59
N THR A 54 -17.15 -0.73 -0.01
CA THR A 54 -18.41 -0.52 0.71
C THR A 54 -19.58 -1.16 -0.02
N LYS A 55 -20.70 -1.24 0.71
CA LYS A 55 -21.94 -1.78 0.16
C LYS A 55 -22.36 -1.00 -1.08
N LYS A 56 -22.25 0.33 -1.03
CA LYS A 56 -22.71 1.17 -2.14
C LYS A 56 -21.95 0.83 -3.42
N MET A 57 -20.69 0.42 -3.30
CA MET A 57 -19.94 0.06 -4.49
C MET A 57 -20.46 -1.23 -5.10
N ILE A 58 -20.80 -2.21 -4.27
CA ILE A 58 -21.42 -3.45 -4.77
C ILE A 58 -22.71 -3.12 -5.48
N GLN A 59 -23.56 -2.30 -4.83
CA GLN A 59 -24.87 -1.97 -5.38
C GLN A 59 -24.77 -1.27 -6.73
N ALA A 60 -23.70 -0.51 -6.94
CA ALA A 60 -23.55 0.15 -8.24
C ALA A 60 -23.12 -0.82 -9.33
N VAL A 61 -22.36 -1.87 -8.98
CA VAL A 61 -22.09 -2.89 -10.01
C VAL A 61 -23.36 -3.62 -10.39
N LYS A 62 -24.22 -3.90 -9.42
CA LYS A 62 -25.52 -4.49 -9.71
C LYS A 62 -26.32 -3.63 -10.67
N LYS A 63 -26.59 -2.39 -10.25
CA LYS A 63 -27.40 -1.48 -11.05
C LYS A 63 -26.89 -1.35 -12.48
N ALA A 64 -25.57 -1.50 -12.70
CA ALA A 64 -25.07 -1.44 -14.06
C ALA A 64 -25.62 -2.56 -14.93
N GLY A 65 -26.03 -3.67 -14.33
CA GLY A 65 -26.48 -4.80 -15.13
C GLY A 65 -25.88 -6.12 -14.74
N PHE A 66 -24.72 -6.11 -14.09
CA PHE A 66 -24.02 -7.34 -13.73
C PHE A 66 -24.88 -8.19 -12.79
N ASN A 67 -24.66 -9.51 -12.81
CA ASN A 67 -25.34 -10.39 -11.86
C ASN A 67 -24.42 -11.28 -11.04
N ALA A 68 -23.10 -11.20 -11.24
CA ALA A 68 -22.14 -11.88 -10.36
C ALA A 68 -20.92 -11.00 -10.14
N ILE A 69 -20.25 -11.17 -8.99
CA ILE A 69 -18.96 -10.53 -8.72
C ILE A 69 -17.93 -11.59 -8.32
N ARG A 70 -16.81 -11.63 -9.04
CA ARG A 70 -15.67 -12.44 -8.65
C ARG A 70 -14.77 -11.60 -7.73
N ILE A 71 -14.41 -12.15 -6.57
CA ILE A 71 -13.60 -11.44 -5.57
C ILE A 71 -12.22 -12.06 -5.47
N PRO A 72 -11.19 -11.47 -6.06
CA PRO A 72 -9.83 -12.01 -5.86
C PRO A 72 -9.38 -11.78 -4.42
N ILE A 73 -8.72 -12.79 -3.86
CA ILE A 73 -8.33 -12.78 -2.46
C ILE A 73 -6.97 -13.45 -2.33
N ARG A 74 -6.00 -12.70 -1.79
CA ARG A 74 -4.70 -13.23 -1.42
C ARG A 74 -4.75 -13.64 0.03
N TRP A 75 -4.09 -14.76 0.37
CA TRP A 75 -4.19 -15.27 1.72
C TRP A 75 -2.87 -15.29 2.47
N GLN A 76 -1.74 -15.14 1.77
CA GLN A 76 -0.45 -15.53 2.32
C GLN A 76 0.00 -14.55 3.41
N CYS A 77 -0.42 -13.29 3.33
CA CYS A 77 -0.13 -12.31 4.36
C CYS A 77 -1.27 -12.18 5.36
N HIS A 78 -2.12 -13.22 5.49
CA HIS A 78 -3.16 -13.21 6.51
C HIS A 78 -3.14 -14.50 7.33
N ILE A 79 -1.98 -15.16 7.37
CA ILE A 79 -1.79 -16.45 8.01
C ILE A 79 -1.23 -16.23 9.41
N THR A 80 -1.98 -16.65 10.44
CA THR A 80 -1.50 -16.55 11.82
C THR A 80 -0.55 -17.69 12.18
N ASN A 81 -0.45 -18.74 11.39
CA ASN A 81 0.45 -19.86 11.71
C ASN A 81 0.83 -20.51 10.38
N ALA A 82 2.12 -20.44 10.01
CA ALA A 82 2.48 -20.85 8.66
C ALA A 82 2.46 -22.36 8.51
N GLN A 83 2.72 -23.10 9.60
CA GLN A 83 2.68 -24.56 9.55
C GLN A 83 1.26 -25.08 9.27
N ALA A 84 0.25 -24.54 9.95
CA ALA A 84 -1.13 -24.99 9.85
C ALA A 84 -1.95 -24.18 8.85
N MET A 85 -1.41 -23.10 8.33
CA MET A 85 -2.10 -22.19 7.43
C MET A 85 -3.43 -21.70 8.03
N SER A 86 -3.41 -21.42 9.33
CA SER A 86 -4.57 -20.79 9.96
C SER A 86 -4.71 -19.37 9.46
N ILE A 87 -5.94 -18.87 9.44
CA ILE A 87 -6.26 -17.61 8.80
C ILE A 87 -6.72 -16.64 9.88
N ASP A 88 -6.20 -15.41 9.81
CA ASP A 88 -6.56 -14.31 10.71
C ASP A 88 -8.08 -14.13 10.75
N LYS A 89 -8.65 -14.22 11.96
CA LYS A 89 -10.10 -14.18 12.10
C LYS A 89 -10.71 -12.93 11.51
N ALA A 90 -10.06 -11.78 11.68
CA ALA A 90 -10.56 -10.50 11.17
C ALA A 90 -10.57 -10.45 9.65
N TRP A 91 -9.60 -11.11 9.01
CA TRP A 91 -9.59 -11.19 7.55
C TRP A 91 -10.78 -11.98 7.04
N ILE A 92 -11.06 -13.12 7.68
CA ILE A 92 -12.25 -13.92 7.34
C ILE A 92 -13.52 -13.09 7.52
N ALA A 93 -13.65 -12.43 8.68
CA ALA A 93 -14.82 -11.62 8.94
C ALA A 93 -14.99 -10.53 7.89
N ARG A 94 -13.86 -9.97 7.41
CA ARG A 94 -13.94 -8.90 6.43
C ARG A 94 -14.43 -9.45 5.10
N ILE A 95 -13.90 -10.61 4.69
CA ILE A 95 -14.34 -11.23 3.44
C ILE A 95 -15.83 -11.51 3.50
N LYS A 96 -16.30 -12.14 4.58
CA LYS A 96 -17.71 -12.48 4.73
C LYS A 96 -18.60 -11.25 4.62
N GLU A 97 -18.14 -10.11 5.16
CA GLU A 97 -18.92 -8.88 5.08
C GLU A 97 -19.15 -8.49 3.62
N VAL A 98 -18.13 -8.62 2.78
CA VAL A 98 -18.25 -8.22 1.38
C VAL A 98 -19.06 -9.24 0.59
N VAL A 99 -18.82 -10.54 0.84
CA VAL A 99 -19.64 -11.59 0.25
C VAL A 99 -21.10 -11.40 0.61
N GLY A 100 -21.37 -11.14 1.90
CA GLY A 100 -22.73 -10.88 2.35
C GLY A 100 -23.36 -9.70 1.66
N TRP A 101 -22.56 -8.68 1.35
CA TRP A 101 -23.12 -7.56 0.60
C TRP A 101 -23.56 -8.01 -0.78
N CYS A 102 -22.75 -8.85 -1.45
CA CYS A 102 -23.11 -9.30 -2.79
C CYS A 102 -24.35 -10.18 -2.75
N LEU A 103 -24.37 -11.13 -1.81
CA LEU A 103 -25.49 -12.07 -1.74
C LEU A 103 -26.77 -11.37 -1.34
N ASP A 104 -26.68 -10.36 -0.47
CA ASP A 104 -27.88 -9.61 -0.07
C ASP A 104 -28.42 -8.76 -1.19
N ASN A 105 -27.63 -8.53 -2.24
CA ASN A 105 -28.08 -7.79 -3.40
C ASN A 105 -28.25 -8.67 -4.64
N GLY A 106 -28.51 -9.97 -4.47
CA GLY A 106 -28.78 -10.77 -5.65
C GLY A 106 -27.62 -10.85 -6.62
N LEU A 107 -26.43 -11.09 -6.08
CA LEU A 107 -25.24 -11.35 -6.88
C LEU A 107 -24.71 -12.73 -6.58
N LYS A 108 -24.30 -13.45 -7.61
CA LYS A 108 -23.49 -14.64 -7.39
C LYS A 108 -22.06 -14.19 -7.08
N VAL A 109 -21.30 -15.06 -6.39
CA VAL A 109 -19.95 -14.73 -5.92
C VAL A 109 -18.98 -15.87 -6.24
N ILE A 110 -17.77 -15.50 -6.67
CA ILE A 110 -16.61 -16.39 -6.73
C ILE A 110 -15.56 -15.85 -5.73
N ILE A 111 -15.09 -16.71 -4.84
CA ILE A 111 -13.94 -16.40 -3.99
C ILE A 111 -12.86 -17.41 -4.39
N ASN A 112 -11.61 -16.98 -4.27
CA ASN A 112 -10.52 -17.76 -4.84
C ASN A 112 -9.24 -17.50 -4.04
N VAL A 113 -8.14 -17.97 -4.60
CA VAL A 113 -6.82 -17.94 -4.01
C VAL A 113 -5.93 -17.32 -5.07
N HIS A 114 -5.55 -16.04 -4.87
CA HIS A 114 -5.18 -15.11 -5.93
C HIS A 114 -3.88 -14.41 -5.57
N HIS A 115 -2.90 -14.45 -6.49
CA HIS A 115 -1.57 -13.87 -6.24
C HIS A 115 -0.88 -14.50 -5.02
N GLU A 116 -1.23 -15.75 -4.77
CA GLU A 116 -0.69 -16.53 -3.67
C GLU A 116 0.62 -17.13 -4.19
N LYS A 117 1.72 -16.39 -3.96
CA LYS A 117 2.94 -16.55 -4.77
C LYS A 117 3.75 -17.75 -4.35
N TRP A 118 3.64 -18.18 -3.09
CA TRP A 118 4.30 -19.43 -2.72
C TRP A 118 3.70 -20.59 -3.53
N LEU A 119 2.43 -20.48 -3.91
CA LEU A 119 1.79 -21.53 -4.72
C LEU A 119 2.00 -21.27 -6.21
N GLU A 120 1.76 -20.05 -6.66
CA GLU A 120 1.76 -19.77 -8.09
C GLU A 120 3.16 -19.84 -8.68
N SER A 121 4.18 -19.40 -7.94
CA SER A 121 5.54 -19.32 -8.48
C SER A 121 6.35 -20.61 -8.34
N ARG A 122 5.93 -21.57 -7.50
CA ARG A 122 6.77 -22.76 -7.43
C ARG A 122 6.09 -24.04 -7.94
N PRO A 123 5.62 -24.10 -9.22
CA PRO A 123 5.05 -25.38 -9.71
C PRO A 123 6.12 -26.35 -10.21
N THR A 124 6.85 -26.95 -9.27
CA THR A 124 8.01 -27.79 -9.55
C THR A 124 8.00 -28.96 -8.59
N TYR A 125 8.73 -30.02 -8.95
CA TYR A 125 8.85 -31.18 -8.06
C TYR A 125 9.45 -30.78 -6.70
N GLN A 126 10.42 -29.87 -6.70
CA GLN A 126 11.08 -29.50 -5.44
C GLN A 126 10.08 -29.04 -4.38
N TYR A 127 9.08 -28.27 -4.79
CA TYR A 127 8.16 -27.65 -3.83
C TYR A 127 6.79 -28.31 -3.82
N LYS A 128 6.60 -29.41 -4.56
CA LYS A 128 5.28 -30.00 -4.73
C LYS A 128 4.69 -30.44 -3.39
N GLU A 129 5.43 -31.27 -2.65
CA GLU A 129 4.96 -31.78 -1.36
C GLU A 129 4.54 -30.67 -0.41
N GLU A 130 5.28 -29.57 -0.42
CA GLU A 130 5.01 -28.48 0.53
C GLU A 130 3.82 -27.65 0.05
N ASN A 131 3.84 -27.28 -1.22
CA ASN A 131 2.71 -26.54 -1.78
C ASN A 131 1.41 -27.32 -1.65
N CYS A 132 1.46 -28.65 -1.84
CA CYS A 132 0.22 -29.41 -1.80
C CYS A 132 -0.33 -29.45 -0.38
N GLN A 133 0.55 -29.69 0.60
CA GLN A 133 0.13 -29.72 1.99
C GLN A 133 -0.47 -28.38 2.40
N LYS A 134 0.11 -27.27 1.91
CA LYS A 134 -0.34 -25.94 2.32
C LYS A 134 -1.62 -25.54 1.61
N LEU A 135 -1.74 -25.90 0.32
CA LEU A 135 -3.00 -25.69 -0.38
C LEU A 135 -4.14 -26.43 0.33
N ALA A 136 -3.90 -27.68 0.72
CA ALA A 136 -4.94 -28.43 1.41
C ALA A 136 -5.35 -27.74 2.72
N LEU A 137 -4.37 -27.42 3.58
CA LEU A 137 -4.69 -26.75 4.85
C LEU A 137 -5.40 -25.42 4.61
N LEU A 138 -4.90 -24.61 3.69
CA LEU A 138 -5.58 -23.35 3.37
C LEU A 138 -7.03 -23.59 2.92
N TRP A 139 -7.25 -24.52 1.97
CA TRP A 139 -8.62 -24.70 1.52
C TRP A 139 -9.48 -25.39 2.55
N MET A 140 -8.90 -26.26 3.37
CA MET A 140 -9.64 -26.82 4.52
C MET A 140 -10.22 -25.72 5.39
N ASN A 141 -9.47 -24.63 5.60
CA ASN A 141 -9.93 -23.56 6.46
C ASN A 141 -10.92 -22.67 5.73
N ILE A 142 -10.66 -22.35 4.45
CA ILE A 142 -11.59 -21.49 3.72
C ILE A 142 -12.93 -22.22 3.53
N ALA A 143 -12.87 -23.47 3.05
CA ALA A 143 -14.11 -24.20 2.78
C ALA A 143 -14.92 -24.37 4.04
N SER A 144 -14.24 -24.60 5.17
CA SER A 144 -14.98 -24.77 6.42
C SER A 144 -15.63 -23.47 6.86
N GLU A 145 -14.96 -22.33 6.65
CA GLU A 145 -15.50 -21.04 7.06
C GLU A 145 -16.70 -20.61 6.23
N PHE A 146 -16.78 -21.03 4.96
CA PHE A 146 -17.87 -20.68 4.05
C PHE A 146 -18.79 -21.86 3.76
N ALA A 147 -18.75 -22.89 4.60
CA ALA A 147 -19.51 -24.12 4.36
C ALA A 147 -21.01 -23.85 4.29
N ASN A 148 -21.50 -22.90 5.09
CA ASN A 148 -22.94 -22.69 5.23
C ASN A 148 -23.51 -21.72 4.22
N TYR A 149 -22.70 -21.17 3.33
CA TYR A 149 -23.27 -20.36 2.26
C TYR A 149 -23.89 -21.25 1.18
N ASP A 150 -24.97 -20.77 0.57
CA ASP A 150 -25.70 -21.54 -0.44
C ASP A 150 -24.91 -21.59 -1.75
N SER A 151 -25.53 -22.13 -2.78
CA SER A 151 -24.84 -22.41 -4.03
C SER A 151 -24.56 -21.17 -4.86
N ARG A 152 -25.16 -20.03 -4.54
CA ARG A 152 -24.77 -18.79 -5.22
C ARG A 152 -23.28 -18.45 -5.01
N LEU A 153 -22.62 -19.05 -4.02
CA LEU A 153 -21.20 -18.84 -3.78
C LEU A 153 -20.40 -20.02 -4.32
N ALA A 154 -19.51 -19.74 -5.26
CA ALA A 154 -18.60 -20.74 -5.82
C ALA A 154 -17.16 -20.53 -5.33
N PHE A 155 -16.38 -21.61 -5.32
CA PHE A 155 -14.95 -21.57 -4.99
C PHE A 155 -14.18 -21.81 -6.28
N ALA A 156 -13.23 -20.93 -6.57
CA ALA A 156 -12.17 -21.18 -7.55
C ALA A 156 -10.86 -21.42 -6.80
N GLY A 157 -10.14 -22.49 -7.15
CA GLY A 157 -9.14 -23.04 -6.25
C GLY A 157 -7.84 -22.26 -6.25
N THR A 158 -7.48 -21.69 -7.39
CA THR A 158 -6.25 -20.97 -7.62
C THR A 158 -6.53 -19.90 -8.66
N ASN A 159 -5.45 -19.27 -9.13
CA ASN A 159 -5.53 -18.27 -10.17
C ASN A 159 -4.49 -18.58 -11.26
N GLU A 160 -3.42 -17.78 -11.38
CA GLU A 160 -2.48 -17.97 -12.49
C GLU A 160 -1.19 -18.58 -11.97
N VAL A 161 -1.09 -19.90 -12.09
CA VAL A 161 0.12 -20.62 -11.70
C VAL A 161 1.12 -20.57 -12.85
N HIS A 162 2.33 -20.05 -12.57
CA HIS A 162 3.43 -20.06 -13.53
C HIS A 162 4.73 -19.62 -12.86
N ILE A 163 5.84 -20.13 -13.40
CA ILE A 163 7.17 -19.65 -13.03
C ILE A 163 7.25 -18.15 -13.31
N ARG A 164 7.91 -17.42 -12.41
CA ARG A 164 7.91 -15.96 -12.47
C ARG A 164 8.51 -15.47 -13.78
N ASP A 165 7.91 -14.41 -14.33
CA ASP A 165 8.35 -13.79 -15.59
C ASP A 165 8.38 -14.78 -16.74
N ASN A 166 7.56 -15.83 -16.66
CA ASN A 166 7.51 -16.85 -17.70
C ASN A 166 6.05 -17.10 -18.05
N TRP A 167 5.66 -16.74 -19.27
CA TRP A 167 4.29 -16.90 -19.73
C TRP A 167 4.20 -17.92 -20.86
N GLY A 168 5.24 -18.74 -21.05
CA GLY A 168 5.23 -19.74 -22.08
C GLY A 168 4.62 -21.06 -21.60
N LYS A 169 4.62 -22.02 -22.53
CA LYS A 169 4.00 -23.32 -22.31
C LYS A 169 4.65 -24.02 -21.12
N PRO A 170 3.87 -24.58 -20.20
CA PRO A 170 4.47 -25.28 -19.05
C PRO A 170 5.31 -26.46 -19.50
N THR A 171 6.24 -26.87 -18.65
CA THR A 171 6.87 -28.16 -18.91
C THR A 171 5.93 -29.26 -18.45
N ALA A 172 6.33 -30.52 -18.71
CA ALA A 172 5.59 -31.63 -18.14
C ALA A 172 5.59 -31.55 -16.62
N GLU A 173 6.74 -31.19 -16.05
CA GLU A 173 6.86 -30.98 -14.61
C GLU A 173 5.86 -29.94 -14.10
N ASN A 174 5.83 -28.77 -14.74
CA ASN A 174 4.93 -27.71 -14.30
C ASN A 174 3.49 -28.17 -14.35
N LEU A 175 3.12 -28.83 -15.46
CA LEU A 175 1.75 -29.29 -15.63
C LEU A 175 1.39 -30.32 -14.55
N GLU A 176 2.27 -31.30 -14.31
CA GLU A 176 1.99 -32.31 -13.29
C GLU A 176 1.63 -31.66 -11.97
N VAL A 177 2.48 -30.73 -11.51
CA VAL A 177 2.28 -30.09 -10.22
C VAL A 177 0.98 -29.29 -10.22
N GLN A 178 0.78 -28.46 -11.25
CA GLN A 178 -0.39 -27.57 -11.24
C GLN A 178 -1.70 -28.37 -11.35
N ASN A 179 -1.71 -29.45 -12.14
CA ASN A 179 -2.90 -30.33 -12.17
C ASN A 179 -3.13 -30.97 -10.81
N ALA A 180 -2.05 -31.24 -10.09
CA ALA A 180 -2.20 -31.80 -8.74
C ALA A 180 -2.89 -30.81 -7.82
N TYR A 181 -2.64 -29.52 -8.02
CA TYR A 181 -3.33 -28.50 -7.23
C TYR A 181 -4.85 -28.63 -7.38
N ASN A 182 -5.32 -28.75 -8.62
CA ASN A 182 -6.76 -28.83 -8.87
C ASN A 182 -7.36 -30.06 -8.20
N GLN A 183 -6.70 -31.20 -8.31
CA GLN A 183 -7.22 -32.41 -7.65
C GLN A 183 -7.28 -32.23 -6.14
N ILE A 184 -6.19 -31.72 -5.52
CA ILE A 184 -6.15 -31.51 -4.07
C ILE A 184 -7.29 -30.60 -3.65
N PHE A 185 -7.46 -29.48 -4.35
CA PHE A 185 -8.52 -28.54 -4.04
C PHE A 185 -9.88 -29.23 -3.99
N VAL A 186 -10.23 -29.98 -5.06
CA VAL A 186 -11.49 -30.70 -5.11
C VAL A 186 -11.63 -31.65 -3.92
N ASP A 187 -10.64 -32.54 -3.74
CA ASP A 187 -10.68 -33.51 -2.63
C ASP A 187 -10.98 -32.84 -1.29
N VAL A 188 -10.30 -31.71 -1.02
CA VAL A 188 -10.34 -31.12 0.32
C VAL A 188 -11.68 -30.45 0.57
N VAL A 189 -12.19 -29.72 -0.43
CA VAL A 189 -13.48 -29.06 -0.31
C VAL A 189 -14.60 -30.10 -0.17
N ARG A 190 -14.54 -31.20 -0.93
CA ARG A 190 -15.62 -32.19 -0.84
C ARG A 190 -15.60 -32.89 0.52
N ALA A 191 -14.41 -33.01 1.12
CA ALA A 191 -14.27 -33.72 2.39
C ALA A 191 -14.83 -32.94 3.56
N THR A 192 -15.23 -31.68 3.35
CA THR A 192 -15.89 -30.91 4.41
C THR A 192 -17.42 -31.05 4.35
N GLY A 193 -17.94 -31.84 3.41
CA GLY A 193 -19.36 -32.14 3.30
C GLY A 193 -20.31 -30.96 3.35
N GLY A 194 -21.57 -31.23 3.66
CA GLY A 194 -22.54 -30.14 3.78
C GLY A 194 -22.85 -29.51 2.44
N ASN A 195 -22.91 -28.17 2.42
CA ASN A 195 -23.17 -27.46 1.15
C ASN A 195 -21.98 -27.49 0.22
N ASN A 196 -20.82 -27.93 0.70
CA ASN A 196 -19.64 -28.07 -0.14
C ASN A 196 -19.59 -29.38 -0.91
N ALA A 197 -20.47 -30.34 -0.61
CA ALA A 197 -20.50 -31.58 -1.40
C ALA A 197 -20.82 -31.30 -2.85
N LYS A 198 -21.72 -30.36 -3.12
CA LYS A 198 -22.08 -30.05 -4.50
C LYS A 198 -21.91 -28.57 -4.83
N ARG A 199 -21.08 -27.83 -4.09
CA ARG A 199 -20.81 -26.44 -4.42
C ARG A 199 -20.07 -26.37 -5.75
N HIS A 200 -20.42 -25.38 -6.55
CA HIS A 200 -19.70 -25.14 -7.79
C HIS A 200 -18.22 -24.86 -7.51
N LEU A 201 -17.35 -25.74 -8.00
CA LEU A 201 -15.90 -25.61 -7.87
C LEU A 201 -15.30 -25.31 -9.24
N ILE A 202 -14.40 -24.33 -9.27
CA ILE A 202 -13.82 -23.79 -10.50
C ILE A 202 -12.34 -24.12 -10.54
N LEU A 203 -11.92 -24.79 -11.60
CA LEU A 203 -10.55 -25.24 -11.79
C LEU A 203 -9.91 -24.44 -12.90
N GLN A 204 -8.59 -24.24 -12.81
CA GLN A 204 -7.86 -23.36 -13.71
C GLN A 204 -6.99 -24.17 -14.66
N THR A 205 -6.84 -23.65 -15.89
CA THR A 205 -5.77 -24.14 -16.75
C THR A 205 -4.47 -23.49 -16.31
N TYR A 206 -3.36 -24.03 -16.80
CA TYR A 206 -2.07 -23.47 -16.46
C TYR A 206 -2.05 -21.99 -16.83
N VAL A 207 -1.63 -21.16 -15.87
CA VAL A 207 -1.58 -19.71 -15.97
C VAL A 207 -2.85 -19.15 -16.58
N CYS A 208 -3.95 -19.90 -16.45
CA CYS A 208 -5.25 -19.47 -16.92
C CYS A 208 -5.22 -19.16 -18.41
N ASN A 209 -4.30 -19.81 -19.11
CA ASN A 209 -4.22 -19.72 -20.55
C ASN A 209 -4.93 -20.94 -21.14
N PRO A 210 -6.05 -20.77 -21.85
CA PRO A 210 -6.78 -21.96 -22.32
C PRO A 210 -5.98 -22.85 -23.24
N TRP A 211 -5.09 -22.29 -24.06
CA TRP A 211 -4.31 -23.08 -25.00
C TRP A 211 -3.32 -24.03 -24.32
N PHE A 212 -2.97 -23.78 -23.06
CA PHE A 212 -2.11 -24.69 -22.31
C PHE A 212 -2.88 -25.78 -21.58
N GLY A 213 -4.19 -25.89 -21.82
CA GLY A 213 -4.98 -26.97 -21.25
C GLY A 213 -5.89 -27.63 -22.26
N ILE A 214 -6.24 -26.91 -23.32
CA ILE A 214 -7.24 -27.43 -24.25
C ILE A 214 -6.73 -28.55 -25.15
N GLU A 215 -5.42 -28.67 -25.37
CA GLU A 215 -4.84 -29.69 -26.24
C GLU A 215 -4.36 -30.90 -25.44
N ASN A 216 -4.48 -32.09 -26.03
CA ASN A 216 -3.81 -33.30 -25.55
C ASN A 216 -4.22 -33.70 -24.13
N GLY A 217 -5.35 -33.21 -23.64
CA GLY A 217 -5.67 -33.46 -22.24
C GLY A 217 -4.63 -32.88 -21.31
N ASP A 218 -3.97 -31.79 -21.73
CA ASP A 218 -3.03 -31.07 -20.89
C ASP A 218 -3.65 -30.78 -19.53
N PHE A 219 -4.82 -30.13 -19.55
CA PHE A 219 -5.67 -29.99 -18.38
C PHE A 219 -6.33 -31.33 -18.04
N ILE A 220 -6.15 -31.78 -16.81
CA ILE A 220 -6.72 -33.05 -16.36
C ILE A 220 -8.00 -32.77 -15.59
N ILE A 221 -9.11 -33.37 -16.03
CA ILE A 221 -10.38 -33.21 -15.32
C ILE A 221 -10.25 -33.99 -14.00
N PRO A 222 -10.46 -33.34 -12.85
CA PRO A 222 -10.26 -34.05 -11.58
C PRO A 222 -11.35 -35.09 -11.38
N LYS A 223 -11.05 -36.11 -10.58
CA LYS A 223 -12.09 -36.99 -10.07
C LYS A 223 -12.81 -36.27 -8.94
N ASP A 224 -14.10 -35.99 -9.15
CA ASP A 224 -14.95 -35.43 -8.12
C ASP A 224 -15.48 -36.55 -7.23
N ALA A 225 -16.38 -36.22 -6.31
CA ALA A 225 -16.92 -37.21 -5.38
C ALA A 225 -17.92 -38.11 -6.12
N GLU A 226 -18.13 -39.32 -5.59
CA GLU A 226 -18.94 -40.34 -6.26
C GLU A 226 -20.34 -39.82 -6.63
N GLY A 227 -20.72 -40.02 -7.90
CA GLY A 227 -22.01 -39.62 -8.42
C GLY A 227 -22.08 -38.22 -8.99
N ASN A 228 -21.15 -37.32 -8.55
CA ASN A 228 -21.07 -35.95 -9.07
C ASN A 228 -20.73 -35.91 -10.54
N GLY A 229 -20.04 -36.93 -11.05
CA GLY A 229 -19.46 -36.86 -12.38
C GLY A 229 -18.61 -35.61 -12.53
N ASN A 230 -18.86 -34.90 -13.63
CA ASN A 230 -18.27 -33.61 -13.97
C ASN A 230 -19.28 -32.49 -13.80
N ASN A 231 -20.44 -32.79 -13.23
CA ASN A 231 -21.50 -31.79 -13.32
C ASN A 231 -21.30 -30.62 -12.37
N TYR A 232 -20.40 -30.73 -11.40
CA TYR A 232 -20.27 -29.68 -10.40
C TYR A 232 -18.89 -29.02 -10.44
N MET A 233 -18.26 -29.02 -11.61
CA MET A 233 -16.94 -28.44 -11.83
C MET A 233 -16.99 -27.61 -13.10
N SER A 234 -16.23 -26.53 -13.16
CA SER A 234 -16.01 -25.76 -14.37
C SER A 234 -14.51 -25.68 -14.67
N VAL A 235 -14.17 -25.41 -15.92
CA VAL A 235 -12.83 -25.04 -16.32
C VAL A 235 -12.80 -23.53 -16.43
N GLU A 236 -11.81 -22.90 -15.80
CA GLU A 236 -11.62 -21.47 -15.86
C GLU A 236 -10.39 -21.14 -16.70
N PHE A 237 -10.52 -20.13 -17.53
CA PHE A 237 -9.37 -19.52 -18.18
C PHE A 237 -9.62 -18.02 -18.24
N HIS A 238 -8.57 -17.30 -18.61
CA HIS A 238 -8.66 -15.86 -18.80
C HIS A 238 -8.43 -15.57 -20.27
N TYR A 239 -9.13 -14.58 -20.79
CA TYR A 239 -9.26 -14.40 -22.24
C TYR A 239 -9.09 -12.94 -22.57
N TYR A 240 -7.84 -12.50 -22.51
CA TYR A 240 -7.40 -11.19 -22.97
C TYR A 240 -6.90 -11.30 -24.41
N GLN A 241 -7.76 -11.84 -25.29
CA GLN A 241 -7.23 -12.21 -26.58
C GLN A 241 -7.96 -11.49 -27.72
N PRO A 242 -7.28 -11.23 -28.85
CA PRO A 242 -5.83 -11.46 -29.08
C PRO A 242 -5.03 -10.50 -28.21
N TRP A 243 -3.90 -10.91 -27.64
CA TRP A 243 -3.18 -10.04 -26.72
C TRP A 243 -2.72 -8.75 -27.40
N SER A 244 -2.70 -8.70 -28.75
CA SER A 244 -2.31 -7.46 -29.45
C SER A 244 -3.38 -6.34 -29.33
N TYR A 245 -4.65 -6.60 -29.66
CA TYR A 245 -5.70 -5.81 -29.05
C TYR A 245 -5.66 -6.09 -27.55
N ALA A 246 -6.38 -5.27 -26.78
CA ALA A 246 -6.69 -5.64 -25.39
C ALA A 246 -5.53 -5.61 -24.40
N GLY A 247 -4.38 -6.17 -24.78
CA GLY A 247 -3.24 -6.21 -23.86
C GLY A 247 -2.16 -5.13 -24.03
N ASP A 248 -1.22 -5.37 -24.96
CA ASP A 248 -0.01 -4.56 -25.09
C ASP A 248 -0.12 -3.43 -26.13
N CYS A 249 -1.33 -3.10 -26.59
CA CYS A 249 -1.58 -1.84 -27.32
C CYS A 249 -0.95 -1.81 -28.73
N THR A 250 -0.68 -2.98 -29.33
CA THR A 250 -0.10 -3.01 -30.66
C THR A 250 -1.10 -2.56 -31.73
N TYR A 251 -2.36 -2.98 -31.61
CA TYR A 251 -3.41 -2.48 -32.49
C TYR A 251 -4.47 -1.75 -31.69
N ASP A 252 -5.08 -0.74 -32.31
CA ASP A 252 -6.17 0.01 -31.69
C ASP A 252 -7.52 -0.51 -32.18
N TYR A 253 -7.54 -1.42 -33.15
CA TYR A 253 -8.78 -1.87 -33.78
C TYR A 253 -8.79 -3.38 -33.92
N TRP A 254 -10.00 -3.92 -34.01
CA TRP A 254 -10.16 -5.37 -33.99
C TRP A 254 -11.37 -5.70 -34.84
N GLY A 255 -11.25 -6.81 -35.57
CA GLY A 255 -12.38 -7.39 -36.28
C GLY A 255 -12.44 -6.96 -37.74
N ASP A 256 -12.93 -7.86 -38.57
CA ASP A 256 -13.20 -7.51 -39.97
C ASP A 256 -14.19 -6.35 -40.09
N ALA A 257 -15.08 -6.19 -39.09
CA ALA A 257 -16.05 -5.08 -39.13
C ALA A 257 -15.35 -3.72 -39.07
N TYR A 258 -14.14 -3.68 -38.53
CA TYR A 258 -13.43 -2.43 -38.37
C TYR A 258 -12.09 -2.44 -39.11
N LYS A 259 -12.06 -3.15 -40.26
CA LYS A 259 -10.85 -3.12 -41.10
C LYS A 259 -10.63 -1.76 -41.75
N ASP A 260 -11.71 -1.04 -42.11
CA ASP A 260 -11.62 0.30 -42.68
C ASP A 260 -11.21 1.37 -41.68
N ALA A 261 -11.20 1.09 -40.36
CA ALA A 261 -10.82 2.12 -39.39
C ALA A 261 -9.31 2.21 -39.22
N GLY A 262 -8.62 1.08 -39.29
CA GLY A 262 -7.18 1.06 -39.14
C GLY A 262 -6.69 -0.35 -39.32
N LYS A 263 -5.49 -0.63 -38.81
CA LYS A 263 -4.92 -1.96 -38.91
C LYS A 263 -5.36 -2.85 -37.75
N ILE A 264 -5.67 -4.11 -38.06
CA ILE A 264 -6.29 -5.05 -37.13
C ILE A 264 -5.40 -6.28 -37.02
N PRO A 265 -5.51 -7.03 -35.90
CA PRO A 265 -4.72 -8.26 -35.78
C PRO A 265 -5.33 -9.38 -36.61
N ALA A 266 -4.48 -10.37 -36.89
CA ALA A 266 -4.91 -11.51 -37.70
C ALA A 266 -6.07 -12.24 -37.05
N ASP A 267 -6.00 -12.44 -35.73
CA ASP A 267 -7.10 -13.02 -34.97
C ASP A 267 -8.35 -12.15 -35.07
N ASN A 268 -9.40 -12.71 -35.66
CA ASN A 268 -10.64 -11.98 -35.91
C ASN A 268 -11.80 -12.67 -35.23
N GLU A 269 -13.02 -12.29 -35.63
CA GLU A 269 -14.23 -12.86 -35.05
C GLU A 269 -14.22 -14.38 -35.16
N LYS A 270 -13.70 -14.90 -36.28
CA LYS A 270 -13.75 -16.33 -36.54
C LYS A 270 -12.81 -17.09 -35.62
N THR A 271 -11.57 -16.63 -35.50
CA THR A 271 -10.61 -17.28 -34.61
C THR A 271 -11.14 -17.37 -33.18
N MET A 272 -11.95 -16.39 -32.77
CA MET A 272 -12.59 -16.44 -31.46
C MET A 272 -13.67 -17.53 -31.38
N THR A 273 -14.71 -17.42 -32.23
CA THR A 273 -15.78 -18.41 -32.17
C THR A 273 -15.27 -19.81 -32.46
N ASP A 274 -14.28 -19.94 -33.34
CA ASP A 274 -13.57 -21.21 -33.47
C ASP A 274 -13.07 -21.71 -32.12
N PHE A 275 -12.37 -20.85 -31.36
CA PHE A 275 -11.85 -21.28 -30.07
C PHE A 275 -12.97 -21.64 -29.11
N PHE A 276 -13.98 -20.77 -29.00
CA PHE A 276 -15.09 -21.07 -28.11
C PHE A 276 -15.71 -22.43 -28.45
N ASP A 277 -15.92 -22.68 -29.75
CA ASP A 277 -16.42 -24.01 -30.16
C ASP A 277 -15.50 -25.12 -29.68
N LYS A 278 -14.18 -24.89 -29.74
CA LYS A 278 -13.25 -25.94 -29.35
C LYS A 278 -13.29 -26.17 -27.84
N ALA A 279 -13.69 -25.15 -27.08
CA ALA A 279 -13.80 -25.34 -25.64
C ALA A 279 -15.12 -26.02 -25.31
N VAL A 280 -16.16 -25.78 -26.13
CA VAL A 280 -17.39 -26.56 -26.01
C VAL A 280 -17.11 -28.04 -26.26
N ASN A 281 -16.34 -28.35 -27.30
CA ASN A 281 -16.15 -29.76 -27.67
C ASN A 281 -15.25 -30.48 -26.69
N THR A 282 -14.22 -29.80 -26.21
CA THR A 282 -13.28 -30.41 -25.28
C THR A 282 -13.89 -30.57 -23.89
N TRP A 283 -14.65 -29.57 -23.42
CA TRP A 283 -14.98 -29.49 -22.00
C TRP A 283 -16.48 -29.49 -21.72
N SER A 284 -17.23 -28.53 -22.27
CA SER A 284 -18.67 -28.48 -22.03
C SER A 284 -19.34 -29.82 -22.37
N ASN A 285 -18.99 -30.40 -23.53
CA ASN A 285 -19.65 -31.64 -23.95
C ASN A 285 -19.39 -32.78 -22.98
N LYS A 286 -18.47 -32.59 -22.04
CA LYS A 286 -18.23 -33.60 -21.02
C LYS A 286 -18.97 -33.29 -19.74
N GLY A 287 -19.81 -32.25 -19.74
CA GLY A 287 -20.57 -31.89 -18.58
C GLY A 287 -19.96 -30.82 -17.70
N LEU A 288 -18.79 -30.27 -18.06
CA LEU A 288 -18.14 -29.23 -17.26
C LEU A 288 -18.73 -27.85 -17.57
N GLY A 289 -18.73 -26.99 -16.57
CA GLY A 289 -18.93 -25.58 -16.84
C GLY A 289 -17.71 -24.95 -17.49
N ILE A 290 -17.91 -23.74 -18.00
CA ILE A 290 -16.84 -22.92 -18.55
C ILE A 290 -16.99 -21.54 -17.93
N VAL A 291 -15.95 -21.07 -17.23
CA VAL A 291 -15.88 -19.75 -16.62
C VAL A 291 -14.76 -18.99 -17.34
N ILE A 292 -15.10 -17.85 -17.95
CA ILE A 292 -14.07 -16.89 -18.38
C ILE A 292 -13.89 -15.93 -17.21
N GLY A 293 -12.95 -16.27 -16.33
CA GLY A 293 -12.87 -15.54 -15.08
C GLY A 293 -12.31 -14.13 -15.20
N ALA A 294 -11.67 -13.83 -16.32
CA ALA A 294 -11.14 -12.51 -16.58
C ALA A 294 -11.03 -12.29 -18.09
N TRP A 295 -11.45 -11.10 -18.51
CA TRP A 295 -11.30 -10.61 -19.88
C TRP A 295 -11.45 -9.09 -19.82
N GLY A 296 -11.02 -8.44 -20.88
CA GLY A 296 -11.15 -6.99 -20.98
C GLY A 296 -10.26 -6.44 -22.09
N VAL A 297 -10.50 -5.19 -22.43
CA VAL A 297 -9.63 -4.45 -23.34
C VAL A 297 -9.15 -3.18 -22.66
N THR A 298 -7.85 -3.03 -22.51
CA THR A 298 -7.32 -1.86 -21.83
C THR A 298 -7.55 -0.59 -22.63
N ASP A 299 -7.90 0.50 -21.94
CA ASP A 299 -8.23 1.74 -22.63
C ASP A 299 -6.98 2.32 -23.31
N HIS A 300 -6.94 2.30 -24.63
CA HIS A 300 -5.76 2.80 -25.31
C HIS A 300 -6.14 3.28 -26.71
N TYR A 301 -5.67 4.47 -27.07
CA TYR A 301 -5.91 4.99 -28.43
C TYR A 301 -4.75 5.87 -28.86
N LYS A 302 -4.30 5.67 -30.11
CA LYS A 302 -3.31 6.56 -30.70
C LYS A 302 -3.91 7.93 -31.01
N SER A 303 -5.04 7.95 -31.76
CA SER A 303 -5.54 9.17 -32.42
C SER A 303 -6.98 9.54 -32.04
N ASN A 304 -7.92 8.63 -32.35
CA ASN A 304 -9.33 8.94 -32.52
C ASN A 304 -10.14 8.14 -31.47
N SER A 305 -10.19 8.68 -30.25
CA SER A 305 -10.80 7.95 -29.12
C SER A 305 -12.20 7.46 -29.44
N GLU A 306 -13.04 8.32 -30.02
CA GLU A 306 -14.40 7.90 -30.40
C GLU A 306 -14.40 6.59 -31.16
N LYS A 307 -13.68 6.56 -32.30
CA LYS A 307 -13.68 5.40 -33.20
C LYS A 307 -13.15 4.14 -32.50
N VAL A 308 -12.11 4.30 -31.66
CA VAL A 308 -11.54 3.18 -30.91
C VAL A 308 -12.52 2.68 -29.84
N HIS A 309 -13.21 3.60 -29.16
CA HIS A 309 -14.14 3.20 -28.11
C HIS A 309 -15.39 2.53 -28.69
N GLU A 310 -15.73 2.83 -29.95
CA GLU A 310 -16.84 2.15 -30.60
C GLU A 310 -16.45 0.71 -30.94
N ASN A 311 -15.29 0.53 -31.57
CA ASN A 311 -14.74 -0.80 -31.79
C ASN A 311 -14.59 -1.59 -30.48
N MET A 312 -14.19 -0.92 -29.39
CA MET A 312 -14.15 -1.58 -28.08
C MET A 312 -15.55 -2.04 -27.66
N THR A 313 -16.58 -1.21 -27.90
CA THR A 313 -17.94 -1.63 -27.60
C THR A 313 -18.33 -2.89 -28.36
N TYR A 314 -17.96 -2.97 -29.63
CA TYR A 314 -18.28 -4.14 -30.46
C TYR A 314 -17.49 -5.38 -30.01
N TYR A 315 -16.22 -5.19 -29.65
CA TYR A 315 -15.44 -6.26 -29.04
C TYR A 315 -16.11 -6.78 -27.77
N CYS A 316 -16.61 -5.86 -26.93
CA CYS A 316 -17.19 -6.30 -25.66
C CYS A 316 -18.54 -6.98 -25.87
N LYS A 317 -19.30 -6.50 -26.85
CA LYS A 317 -20.56 -7.16 -27.20
C LYS A 317 -20.31 -8.55 -27.82
N PHE A 318 -19.41 -8.63 -28.79
CA PHE A 318 -19.15 -9.90 -29.46
C PHE A 318 -18.65 -10.96 -28.48
N LEU A 319 -17.74 -10.58 -27.56
CA LEU A 319 -17.17 -11.57 -26.63
C LEU A 319 -18.23 -12.06 -25.63
N THR A 320 -18.95 -11.14 -24.99
CA THR A 320 -19.92 -11.54 -23.98
C THR A 320 -21.04 -12.39 -24.59
N THR A 321 -21.62 -11.93 -25.70
CA THR A 321 -22.79 -12.64 -26.24
C THR A 321 -22.43 -14.00 -26.84
N GLU A 322 -21.31 -14.08 -27.56
CA GLU A 322 -20.88 -15.40 -28.09
C GLU A 322 -20.56 -16.37 -26.95
N ALA A 323 -19.93 -15.89 -25.89
CA ALA A 323 -19.75 -16.73 -24.71
C ALA A 323 -21.09 -17.10 -24.09
N ARG A 324 -21.99 -16.13 -23.93
CA ARG A 324 -23.24 -16.36 -23.20
C ARG A 324 -24.07 -17.44 -23.87
N LYS A 325 -24.23 -17.35 -25.19
CA LYS A 325 -25.07 -18.28 -25.90
C LYS A 325 -24.44 -19.68 -25.98
N ARG A 326 -23.20 -19.87 -25.51
CA ARG A 326 -22.67 -21.22 -25.40
C ARG A 326 -22.72 -21.73 -23.96
N GLY A 327 -23.32 -20.98 -23.04
CA GLY A 327 -23.37 -21.37 -21.65
C GLY A 327 -22.19 -20.96 -20.78
N PHE A 328 -21.27 -20.15 -21.30
CA PHE A 328 -20.15 -19.68 -20.46
C PHE A 328 -20.60 -18.57 -19.52
N SER A 329 -19.95 -18.46 -18.36
CA SER A 329 -20.05 -17.23 -17.60
C SER A 329 -18.87 -16.35 -17.97
N THR A 330 -19.05 -15.03 -17.86
CA THR A 330 -17.95 -14.11 -18.09
C THR A 330 -17.80 -13.14 -16.94
N PHE A 331 -16.55 -12.81 -16.62
CA PHE A 331 -16.24 -11.86 -15.56
C PHE A 331 -15.21 -10.87 -16.10
N VAL A 332 -15.61 -9.60 -16.23
CA VAL A 332 -14.74 -8.58 -16.82
C VAL A 332 -13.79 -8.04 -15.75
N TRP A 333 -12.54 -7.79 -16.16
CA TRP A 333 -11.54 -7.30 -15.22
C TRP A 333 -11.67 -5.80 -15.00
N ASP A 334 -11.55 -5.39 -13.74
CA ASP A 334 -11.63 -3.99 -13.39
C ASP A 334 -10.63 -3.74 -12.29
N ASN A 335 -9.63 -2.89 -12.57
CA ASN A 335 -8.60 -2.55 -11.60
C ASN A 335 -8.68 -1.09 -11.17
N ASN A 336 -9.68 -0.34 -11.66
CA ASN A 336 -9.94 1.04 -11.22
C ASN A 336 -8.82 1.98 -11.65
N HIS A 337 -8.23 1.71 -12.81
CA HIS A 337 -7.18 2.52 -13.43
C HIS A 337 -7.69 3.02 -14.78
N PHE A 338 -7.53 4.33 -15.01
CA PHE A 338 -8.01 4.98 -16.22
C PHE A 338 -6.88 5.70 -16.94
N GLY A 339 -7.02 5.85 -18.25
CA GLY A 339 -5.98 6.48 -19.04
C GLY A 339 -5.82 5.92 -20.44
N ASN A 340 -4.55 5.67 -20.85
CA ASN A 340 -4.26 5.38 -22.27
C ASN A 340 -2.96 4.57 -22.34
N GLY A 341 -3.08 3.26 -22.17
CA GLY A 341 -1.91 2.39 -22.14
C GLY A 341 -2.28 1.01 -21.62
N SER A 342 -1.29 0.38 -20.98
CA SER A 342 -1.47 -0.89 -20.29
C SER A 342 -2.22 -0.71 -18.96
N GLU A 343 -2.92 -1.78 -18.57
CA GLU A 343 -3.48 -1.93 -17.22
C GLU A 343 -4.45 -0.79 -16.90
N LYS A 344 -5.14 -0.33 -17.93
CA LYS A 344 -6.18 0.69 -17.80
C LYS A 344 -7.51 -0.01 -18.03
N TYR A 345 -7.92 -0.79 -17.03
CA TYR A 345 -9.10 -1.64 -17.10
C TYR A 345 -10.24 -1.10 -16.23
N GLY A 346 -10.15 0.13 -15.76
CA GLY A 346 -11.20 0.65 -14.89
C GLY A 346 -12.49 0.81 -15.67
N ILE A 347 -13.60 0.42 -15.05
CA ILE A 347 -14.90 0.75 -15.64
C ILE A 347 -15.53 1.85 -14.81
N PHE A 348 -15.64 1.62 -13.50
CA PHE A 348 -16.23 2.59 -12.57
C PHE A 348 -15.10 3.21 -11.76
N ASP A 349 -15.25 4.51 -11.48
CA ASP A 349 -14.33 5.24 -10.62
C ASP A 349 -14.73 5.04 -9.16
N ARG A 350 -13.92 4.31 -8.41
CA ARG A 350 -14.35 3.92 -7.08
C ARG A 350 -14.15 5.00 -6.05
N PHE A 351 -13.49 6.11 -6.42
CA PHE A 351 -13.32 7.25 -5.55
C PHE A 351 -14.41 8.31 -5.73
N LYS A 352 -15.18 8.25 -6.83
CA LYS A 352 -16.23 9.23 -7.13
C LYS A 352 -17.57 8.51 -7.33
N SER A 353 -18.11 8.00 -6.22
CA SER A 353 -19.48 7.50 -6.17
C SER A 353 -19.76 6.47 -7.27
N MET A 354 -18.72 5.71 -7.66
CA MET A 354 -18.82 4.65 -8.67
C MET A 354 -19.23 5.18 -10.05
N LYS A 355 -18.87 6.44 -10.35
CA LYS A 355 -19.19 7.04 -11.66
C LYS A 355 -18.56 6.24 -12.80
N VAL A 356 -19.33 6.07 -13.88
CA VAL A 356 -18.93 5.24 -15.00
C VAL A 356 -18.04 6.06 -15.92
N ASN A 357 -16.72 5.91 -15.77
CA ASN A 357 -15.77 6.56 -16.64
C ASN A 357 -15.38 5.70 -17.84
N ALA A 358 -16.14 4.65 -18.14
CA ALA A 358 -15.93 3.87 -19.37
C ALA A 358 -17.28 3.33 -19.83
N PRO A 359 -18.20 4.23 -20.21
CA PRO A 359 -19.52 3.79 -20.70
C PRO A 359 -19.45 2.91 -21.94
N TRP A 360 -18.33 2.93 -22.66
CA TRP A 360 -18.27 2.16 -23.91
C TRP A 360 -18.12 0.67 -23.62
N ILE A 361 -17.50 0.31 -22.50
CA ILE A 361 -17.47 -1.08 -22.05
C ILE A 361 -18.88 -1.53 -21.68
N LEU A 362 -19.56 -0.76 -20.82
CA LEU A 362 -20.93 -1.06 -20.38
C LEU A 362 -21.94 -1.01 -21.52
N GLU A 363 -21.59 -0.38 -22.66
CA GLU A 363 -22.46 -0.43 -23.83
C GLU A 363 -22.28 -1.75 -24.59
N GLY A 364 -21.07 -2.31 -24.53
CA GLY A 364 -20.71 -3.54 -25.20
C GLY A 364 -21.43 -4.73 -24.61
N ILE A 365 -21.12 -5.06 -23.36
CA ILE A 365 -22.05 -5.87 -22.57
C ILE A 365 -23.27 -5.00 -22.29
N PHE A 366 -24.39 -5.63 -21.97
CA PHE A 366 -25.65 -4.87 -21.84
C PHE A 366 -25.94 -3.87 -23.00
N SER B 1 4.62 35.96 12.47
CA SER B 1 5.13 37.03 11.61
C SER B 1 6.54 37.40 12.06
N ASN B 2 7.52 36.77 11.41
CA ASN B 2 8.95 36.92 11.75
C ASN B 2 9.21 36.60 13.22
N ALA B 3 8.73 35.44 13.65
CA ALA B 3 9.22 34.87 14.90
C ALA B 3 10.52 34.15 14.62
N THR B 4 11.50 34.33 15.52
CA THR B 4 12.77 33.64 15.41
C THR B 4 12.56 32.14 15.66
N ALA B 5 13.61 31.36 15.40
CA ALA B 5 13.55 29.92 15.65
C ALA B 5 13.22 29.62 17.10
N GLN B 6 13.86 30.34 18.04
CA GLN B 6 13.66 30.04 19.45
C GLN B 6 12.28 30.49 19.92
N GLN B 7 11.78 31.60 19.40
CA GLN B 7 10.41 32.00 19.71
C GLN B 7 9.41 30.98 19.14
N TRP B 8 9.63 30.53 17.90
CA TRP B 8 8.74 29.54 17.29
C TRP B 8 8.72 28.25 18.11
N ASN B 9 9.90 27.78 18.53
CA ASN B 9 10.01 26.50 19.23
C ASN B 9 9.44 26.53 20.64
N LYS B 10 9.35 27.69 21.27
CA LYS B 10 9.11 27.78 22.70
C LYS B 10 7.76 27.19 23.07
N ASP B 11 7.77 26.32 24.10
CA ASP B 11 6.60 25.59 24.62
C ASP B 11 5.87 24.75 23.57
N VAL B 12 6.49 24.42 22.45
CA VAL B 12 5.81 23.64 21.41
C VAL B 12 6.02 22.16 21.71
N VAL B 13 4.94 21.45 22.06
CA VAL B 13 4.95 19.99 22.19
C VAL B 13 3.98 19.41 21.17
N GLY B 14 4.50 18.64 20.22
CA GLY B 14 3.69 18.25 19.07
C GLY B 14 3.65 16.77 18.73
N TRP B 15 3.15 16.48 17.52
CA TRP B 15 2.74 15.13 17.19
C TRP B 15 3.04 14.88 15.73
N ASN B 16 3.58 13.70 15.42
CA ASN B 16 3.87 13.33 14.03
C ASN B 16 2.66 12.62 13.39
N LEU B 17 2.32 13.01 12.16
CA LEU B 17 1.32 12.31 11.34
C LEU B 17 2.04 11.20 10.58
N GLY B 18 2.48 10.21 11.33
CA GLY B 18 3.42 9.23 10.81
C GLY B 18 2.73 8.22 9.92
N ASN B 19 3.52 7.66 8.98
CA ASN B 19 3.05 6.66 8.03
C ASN B 19 1.80 7.14 7.30
N GLU B 20 1.86 8.36 6.77
CA GLU B 20 0.78 8.86 5.93
C GLU B 20 1.35 9.40 4.63
N PHE B 21 1.79 10.65 4.64
CA PHE B 21 2.20 11.22 3.37
C PHE B 21 3.63 10.88 3.00
N GLU B 22 4.36 10.17 3.84
CA GLU B 22 5.68 9.70 3.44
C GLU B 22 5.69 8.26 2.92
N CYS B 23 4.53 7.63 2.78
CA CYS B 23 4.49 6.27 2.20
C CYS B 23 5.04 6.29 0.79
N SER B 24 5.74 5.22 0.43
CA SER B 24 6.12 5.05 -0.96
C SER B 24 4.88 4.78 -1.79
N ALA B 25 5.02 4.87 -3.11
CA ALA B 25 3.85 4.75 -3.96
C ALA B 25 3.24 3.36 -3.77
N PRO B 26 1.90 3.22 -3.98
CA PRO B 26 1.29 1.89 -3.93
C PRO B 26 2.11 0.81 -4.62
N GLY B 27 2.46 -0.23 -3.88
CA GLY B 27 3.13 -1.38 -4.45
C GLY B 27 4.56 -1.13 -4.89
N GLN B 28 5.16 -0.04 -4.43
CA GLN B 28 6.55 0.23 -4.72
C GLN B 28 7.41 -0.10 -3.51
N ASP B 29 8.65 -0.49 -3.80
CA ASP B 29 9.63 -0.78 -2.77
C ASP B 29 10.01 0.52 -2.07
N GLY B 30 9.85 0.56 -0.75
CA GLY B 30 10.13 1.77 0.02
C GLY B 30 11.56 2.24 -0.05
N GLU B 31 12.50 1.37 -0.44
CA GLU B 31 13.90 1.71 -0.62
C GLU B 31 14.23 2.16 -2.03
N SER B 32 13.24 2.28 -2.90
CA SER B 32 13.55 2.57 -4.29
C SER B 32 13.92 4.03 -4.45
N MET B 33 14.90 4.29 -5.29
CA MET B 33 15.40 5.62 -5.52
C MET B 33 14.85 6.25 -6.79
N GLN B 34 13.79 5.67 -7.34
CA GLN B 34 13.20 6.09 -8.61
C GLN B 34 12.31 7.32 -8.48
N ILE B 35 12.51 8.27 -9.37
CA ILE B 35 11.76 9.52 -9.34
C ILE B 35 10.74 9.47 -10.48
N GLY B 36 9.48 9.65 -10.14
CA GLY B 36 8.43 9.63 -11.14
C GLY B 36 7.09 9.83 -10.48
N ASN B 37 6.04 9.40 -11.17
CA ASN B 37 4.67 9.65 -10.76
C ASN B 37 3.80 8.47 -11.17
N PRO B 38 3.98 7.31 -10.51
CA PRO B 38 3.22 6.11 -10.88
C PRO B 38 1.72 6.34 -10.67
N ASP B 39 0.94 5.40 -11.24
CA ASP B 39 -0.44 5.70 -11.60
C ASP B 39 -1.32 5.93 -10.38
N GLY B 40 -1.18 5.10 -9.35
CA GLY B 40 -1.98 5.36 -8.17
C GLY B 40 -1.34 6.24 -7.12
N SER B 41 -0.24 6.94 -7.42
CA SER B 41 0.57 7.55 -6.35
C SER B 41 -0.19 8.62 -5.56
N ILE B 42 -1.10 9.37 -6.20
CA ILE B 42 -1.90 10.37 -5.48
C ILE B 42 -2.60 9.77 -4.25
N HIS B 43 -2.95 8.49 -4.26
CA HIS B 43 -3.57 7.81 -3.12
C HIS B 43 -2.57 7.15 -2.20
N ALA B 44 -1.31 7.64 -2.18
CA ALA B 44 -0.27 6.90 -1.49
C ALA B 44 -0.43 6.93 0.02
N GLU B 45 -1.29 7.80 0.54
CA GLU B 45 -1.37 7.92 1.99
C GLU B 45 -1.96 6.68 2.63
N THR B 46 -2.58 5.78 1.85
CA THR B 46 -3.12 4.55 2.41
C THR B 46 -2.18 3.36 2.18
N ALA B 47 -1.09 3.52 1.43
CA ALA B 47 -0.31 2.36 0.99
C ALA B 47 0.30 1.57 2.13
N TRP B 48 0.64 2.21 3.26
CA TRP B 48 1.20 1.48 4.40
C TRP B 48 0.15 1.13 5.46
N GLY B 49 -1.14 1.21 5.13
CA GLY B 49 -2.14 0.60 5.98
C GLY B 49 -2.83 1.52 6.96
N ASN B 50 -2.75 2.83 6.74
CA ASN B 50 -3.44 3.83 7.54
C ASN B 50 -4.51 4.53 6.70
N PRO B 51 -5.52 5.13 7.33
CA PRO B 51 -6.63 5.71 6.56
C PRO B 51 -6.28 7.04 5.90
N VAL B 52 -7.20 7.48 5.05
CA VAL B 52 -7.13 8.84 4.54
C VAL B 52 -7.30 9.81 5.69
N VAL B 53 -6.42 10.82 5.76
CA VAL B 53 -6.44 11.77 6.87
C VAL B 53 -7.64 12.70 6.72
N THR B 54 -8.33 12.96 7.84
CA THR B 54 -9.47 13.87 7.86
C THR B 54 -9.26 14.98 8.88
N LYS B 55 -10.13 16.00 8.78
CA LYS B 55 -10.12 17.12 9.71
C LYS B 55 -10.32 16.65 11.15
N LYS B 56 -11.28 15.74 11.36
CA LYS B 56 -11.59 15.25 12.70
C LYS B 56 -10.36 14.61 13.35
N MET B 57 -9.48 14.01 12.56
CA MET B 57 -8.29 13.41 13.13
C MET B 57 -7.33 14.49 13.66
N ILE B 58 -7.20 15.59 12.90
CA ILE B 58 -6.40 16.73 13.33
C ILE B 58 -6.96 17.29 14.64
N GLN B 59 -8.27 17.50 14.67
CA GLN B 59 -8.92 18.11 15.83
C GLN B 59 -8.76 17.25 17.08
N ALA B 60 -8.67 15.93 16.92
CA ALA B 60 -8.49 15.09 18.10
C ALA B 60 -7.07 15.18 18.63
N VAL B 61 -6.09 15.49 17.76
CA VAL B 61 -4.73 15.65 18.24
C VAL B 61 -4.59 16.98 18.98
N LYS B 62 -5.22 18.03 18.46
CA LYS B 62 -5.38 19.28 19.18
C LYS B 62 -5.99 19.05 20.56
N LYS B 63 -7.21 18.47 20.60
CA LYS B 63 -7.91 18.35 21.88
C LYS B 63 -7.11 17.54 22.88
N ALA B 64 -6.28 16.61 22.41
CA ALA B 64 -5.42 15.87 23.35
C ALA B 64 -4.48 16.78 24.11
N GLY B 65 -4.14 17.94 23.53
CA GLY B 65 -3.22 18.86 24.19
C GLY B 65 -2.15 19.40 23.28
N PHE B 66 -1.86 18.69 22.19
CA PHE B 66 -0.75 19.10 21.32
C PHE B 66 -1.03 20.47 20.71
N ASN B 67 0.04 21.21 20.38
CA ASN B 67 -0.11 22.49 19.70
C ASN B 67 0.66 22.62 18.39
N ALA B 68 1.32 21.56 17.92
CA ALA B 68 1.93 21.55 16.60
C ALA B 68 1.82 20.15 16.02
N ILE B 69 1.83 20.03 14.70
CA ILE B 69 1.90 18.74 14.05
C ILE B 69 3.00 18.75 13.00
N ARG B 70 3.88 17.75 13.02
CA ARG B 70 4.86 17.56 11.97
C ARG B 70 4.30 16.59 10.92
N ILE B 71 4.37 16.97 9.65
CA ILE B 71 3.82 16.15 8.56
C ILE B 71 4.94 15.58 7.72
N PRO B 72 5.32 14.32 7.90
CA PRO B 72 6.31 13.73 7.00
C PRO B 72 5.71 13.59 5.61
N ILE B 73 6.51 13.95 4.60
CA ILE B 73 6.06 13.95 3.22
C ILE B 73 7.17 13.42 2.35
N ARG B 74 6.84 12.44 1.51
CA ARG B 74 7.75 11.92 0.51
C ARG B 74 7.36 12.51 -0.82
N TRP B 75 8.35 12.88 -1.61
CA TRP B 75 8.03 13.53 -2.86
C TRP B 75 8.36 12.70 -4.10
N GLN B 76 9.32 11.77 -4.01
CA GLN B 76 9.96 11.19 -5.18
C GLN B 76 8.98 10.51 -6.11
N CYS B 77 7.86 10.01 -5.59
CA CYS B 77 6.85 9.35 -6.41
C CYS B 77 5.68 10.28 -6.73
N HIS B 78 5.89 11.61 -6.65
CA HIS B 78 4.88 12.58 -7.06
C HIS B 78 5.45 13.62 -8.00
N ILE B 79 6.51 13.27 -8.72
CA ILE B 79 7.18 14.17 -9.67
C ILE B 79 6.72 13.86 -11.09
N THR B 80 6.16 14.87 -11.77
CA THR B 80 5.74 14.76 -13.15
C THR B 80 6.90 14.86 -14.15
N ASN B 81 8.07 15.32 -13.73
CA ASN B 81 9.22 15.39 -14.63
C ASN B 81 10.50 15.37 -13.80
N ALA B 82 11.34 14.35 -14.00
CA ALA B 82 12.47 14.12 -13.11
C ALA B 82 13.59 15.12 -13.32
N GLN B 83 13.75 15.62 -14.54
CA GLN B 83 14.77 16.65 -14.79
C GLN B 83 14.43 17.94 -14.04
N ALA B 84 13.17 18.37 -14.10
CA ALA B 84 12.71 19.61 -13.47
C ALA B 84 12.30 19.46 -12.01
N MET B 85 12.10 18.22 -11.52
CA MET B 85 11.52 17.95 -10.22
C MET B 85 10.22 18.73 -9.99
N SER B 86 9.42 18.87 -11.04
CA SER B 86 8.08 19.45 -10.90
C SER B 86 7.16 18.48 -10.16
N ILE B 87 6.24 19.02 -9.39
CA ILE B 87 5.47 18.25 -8.44
C ILE B 87 4.03 18.15 -8.92
N ASP B 88 3.44 16.97 -8.73
CA ASP B 88 2.08 16.71 -9.16
C ASP B 88 1.10 17.67 -8.49
N LYS B 89 0.32 18.39 -9.30
CA LYS B 89 -0.56 19.43 -8.77
C LYS B 89 -1.52 18.87 -7.73
N ALA B 90 -2.07 17.68 -7.98
CA ALA B 90 -3.03 17.09 -7.04
C ALA B 90 -2.37 16.76 -5.70
N TRP B 91 -1.11 16.32 -5.73
CA TRP B 91 -0.38 16.06 -4.50
C TRP B 91 -0.20 17.36 -3.70
N ILE B 92 0.23 18.45 -4.35
CA ILE B 92 0.34 19.74 -3.67
C ILE B 92 -0.98 20.15 -3.04
N ALA B 93 -2.08 19.96 -3.79
CA ALA B 93 -3.39 20.39 -3.32
C ALA B 93 -3.87 19.53 -2.16
N ARG B 94 -3.42 18.28 -2.10
CA ARG B 94 -3.81 17.43 -0.99
C ARG B 94 -3.05 17.82 0.27
N ILE B 95 -1.75 18.05 0.14
CA ILE B 95 -0.94 18.53 1.27
C ILE B 95 -1.53 19.82 1.83
N LYS B 96 -1.80 20.79 0.95
CA LYS B 96 -2.34 22.06 1.40
C LYS B 96 -3.62 21.87 2.19
N GLU B 97 -4.45 20.91 1.80
CA GLU B 97 -5.70 20.67 2.50
C GLU B 97 -5.47 20.26 3.96
N VAL B 98 -4.44 19.44 4.19
CA VAL B 98 -4.16 18.96 5.54
C VAL B 98 -3.45 20.05 6.35
N VAL B 99 -2.51 20.75 5.72
CA VAL B 99 -1.86 21.89 6.36
C VAL B 99 -2.91 22.90 6.81
N GLY B 100 -3.87 23.22 5.91
CA GLY B 100 -4.92 24.16 6.25
C GLY B 100 -5.77 23.70 7.42
N TRP B 101 -6.06 22.39 7.51
CA TRP B 101 -6.78 21.87 8.66
C TRP B 101 -6.01 22.16 9.94
N CYS B 102 -4.69 21.96 9.93
CA CYS B 102 -3.90 22.19 11.13
C CYS B 102 -3.94 23.66 11.50
N LEU B 103 -3.75 24.53 10.49
CA LEU B 103 -3.70 25.96 10.72
C LEU B 103 -5.05 26.52 11.17
N ASP B 104 -6.14 25.99 10.64
CA ASP B 104 -7.46 26.44 11.03
C ASP B 104 -7.83 26.01 12.44
N ASN B 105 -7.08 25.07 13.01
CA ASN B 105 -7.36 24.59 14.35
C ASN B 105 -6.27 24.97 15.34
N GLY B 106 -5.52 26.02 15.04
CA GLY B 106 -4.52 26.53 15.98
C GLY B 106 -3.38 25.56 16.22
N LEU B 107 -2.82 25.02 15.13
CA LEU B 107 -1.66 24.16 15.21
C LEU B 107 -0.53 24.77 14.38
N LYS B 108 0.68 24.68 14.92
CA LYS B 108 1.86 24.93 14.10
C LYS B 108 2.13 23.70 13.24
N VAL B 109 2.87 23.89 12.16
CA VAL B 109 3.08 22.82 11.18
C VAL B 109 4.53 22.81 10.71
N ILE B 110 5.12 21.62 10.68
CA ILE B 110 6.32 21.34 9.93
C ILE B 110 5.96 20.45 8.73
N ILE B 111 6.42 20.83 7.54
CA ILE B 111 6.43 19.95 6.37
C ILE B 111 7.88 19.77 5.99
N ASN B 112 8.20 18.60 5.41
CA ASN B 112 9.60 18.23 5.21
C ASN B 112 9.74 17.39 3.94
N VAL B 113 10.90 16.76 3.80
CA VAL B 113 11.26 15.89 2.70
C VAL B 113 11.81 14.64 3.37
N HIS B 114 11.06 13.53 3.25
CA HIS B 114 11.06 12.40 4.19
C HIS B 114 11.04 11.09 3.40
N HIS B 115 11.93 10.17 3.75
CA HIS B 115 12.10 8.91 3.00
C HIS B 115 12.35 9.16 1.52
N GLU B 116 13.02 10.26 1.22
CA GLU B 116 13.31 10.67 -0.15
C GLU B 116 14.62 10.02 -0.55
N LYS B 117 14.52 8.81 -1.12
CA LYS B 117 15.62 7.85 -1.05
C LYS B 117 16.72 8.15 -2.05
N TRP B 118 16.39 8.81 -3.16
CA TRP B 118 17.47 9.23 -4.05
C TRP B 118 18.39 10.22 -3.34
N LEU B 119 17.87 10.97 -2.38
CA LEU B 119 18.66 11.92 -1.61
C LEU B 119 19.31 11.26 -0.39
N GLU B 120 18.48 10.64 0.46
CA GLU B 120 18.95 10.10 1.72
C GLU B 120 20.01 9.02 1.52
N SER B 121 19.88 8.19 0.48
CA SER B 121 20.75 7.02 0.37
C SER B 121 22.01 7.28 -0.43
N ARG B 122 22.15 8.45 -0.98
CA ARG B 122 23.36 8.70 -1.75
C ARG B 122 24.19 9.87 -1.23
N PRO B 123 24.57 9.93 0.07
CA PRO B 123 25.43 11.06 0.49
C PRO B 123 26.90 10.76 0.19
N THR B 124 27.27 10.91 -1.07
CA THR B 124 28.60 10.57 -1.55
C THR B 124 29.02 11.62 -2.58
N TYR B 125 30.34 11.72 -2.81
CA TYR B 125 30.86 12.60 -3.84
C TYR B 125 30.24 12.33 -5.20
N GLN B 126 30.05 11.05 -5.55
CA GLN B 126 29.60 10.70 -6.89
C GLN B 126 28.28 11.39 -7.22
N TYR B 127 27.39 11.50 -6.24
CA TYR B 127 26.03 11.99 -6.46
C TYR B 127 25.80 13.38 -5.88
N LYS B 128 26.83 14.01 -5.30
CA LYS B 128 26.67 15.27 -4.56
C LYS B 128 26.11 16.38 -5.43
N GLU B 129 26.77 16.68 -6.54
CA GLU B 129 26.31 17.78 -7.39
C GLU B 129 24.89 17.52 -7.90
N GLU B 130 24.60 16.28 -8.33
CA GLU B 130 23.29 15.96 -8.88
C GLU B 130 22.21 16.03 -7.82
N ASN B 131 22.48 15.48 -6.63
CA ASN B 131 21.51 15.53 -5.53
C ASN B 131 21.24 16.97 -5.10
N CYS B 132 22.28 17.82 -5.08
CA CYS B 132 22.07 19.20 -4.64
C CYS B 132 21.26 19.98 -5.68
N GLN B 133 21.52 19.76 -6.97
CA GLN B 133 20.70 20.39 -8.00
C GLN B 133 19.24 19.94 -7.94
N LYS B 134 19.01 18.64 -7.73
CA LYS B 134 17.63 18.16 -7.60
C LYS B 134 16.97 18.69 -6.34
N LEU B 135 17.71 18.73 -5.21
CA LEU B 135 17.13 19.21 -3.96
C LEU B 135 16.76 20.68 -4.07
N ALA B 136 17.58 21.46 -4.78
CA ALA B 136 17.25 22.86 -5.03
C ALA B 136 15.97 22.98 -5.86
N LEU B 137 15.88 22.27 -7.00
CA LEU B 137 14.64 22.29 -7.78
C LEU B 137 13.44 21.87 -6.93
N LEU B 138 13.55 20.74 -6.22
CA LEU B 138 12.47 20.29 -5.35
C LEU B 138 12.05 21.38 -4.36
N TRP B 139 12.98 21.88 -3.51
CA TRP B 139 12.60 22.86 -2.50
C TRP B 139 12.14 24.16 -3.14
N MET B 140 12.76 24.57 -4.26
CA MET B 140 12.26 25.74 -4.98
C MET B 140 10.78 25.62 -5.29
N ASN B 141 10.32 24.42 -5.66
CA ASN B 141 8.91 24.23 -5.99
C ASN B 141 8.08 24.14 -4.72
N ILE B 142 8.52 23.38 -3.70
CA ILE B 142 7.78 23.30 -2.45
C ILE B 142 7.63 24.70 -1.84
N ALA B 143 8.74 25.43 -1.73
CA ALA B 143 8.70 26.71 -1.04
C ALA B 143 7.85 27.72 -1.79
N SER B 144 7.95 27.73 -3.12
CA SER B 144 7.07 28.58 -3.92
C SER B 144 5.60 28.22 -3.71
N GLU B 145 5.29 26.93 -3.53
CA GLU B 145 3.89 26.54 -3.39
C GLU B 145 3.32 26.90 -2.03
N PHE B 146 4.18 27.00 -1.01
CA PHE B 146 3.72 27.33 0.33
C PHE B 146 4.16 28.72 0.75
N ALA B 147 4.51 29.56 -0.24
CA ALA B 147 5.10 30.86 0.06
C ALA B 147 4.16 31.72 0.88
N ASN B 148 2.87 31.62 0.65
CA ASN B 148 1.93 32.55 1.23
C ASN B 148 1.37 32.08 2.56
N TYR B 149 1.90 31.01 3.11
CA TYR B 149 1.53 30.64 4.46
C TYR B 149 2.32 31.47 5.47
N ASP B 150 1.67 31.74 6.61
CA ASP B 150 2.31 32.55 7.65
C ASP B 150 3.40 31.73 8.34
N SER B 151 3.94 32.29 9.44
CA SER B 151 5.13 31.79 10.13
C SER B 151 4.85 30.60 11.04
N ARG B 152 3.58 30.32 11.35
CA ARG B 152 3.23 29.06 12.01
C ARG B 152 3.66 27.83 11.20
N LEU B 153 3.92 27.96 9.90
CA LEU B 153 4.38 26.86 9.06
C LEU B 153 5.89 26.96 8.91
N ALA B 154 6.60 25.92 9.31
CA ALA B 154 8.05 25.83 9.17
C ALA B 154 8.41 24.76 8.15
N PHE B 155 9.60 24.91 7.56
CA PHE B 155 10.12 23.93 6.60
C PHE B 155 11.29 23.21 7.24
N ALA B 156 11.30 21.87 7.16
CA ALA B 156 12.45 21.07 7.52
C ALA B 156 13.02 20.44 6.26
N GLY B 157 14.31 20.67 5.99
CA GLY B 157 14.83 20.40 4.67
C GLY B 157 14.88 18.95 4.27
N THR B 158 15.18 18.07 5.23
CA THR B 158 15.39 16.65 4.99
C THR B 158 14.91 15.89 6.22
N ASN B 159 15.19 14.59 6.22
CA ASN B 159 14.93 13.72 7.35
C ASN B 159 16.23 12.99 7.72
N GLU B 160 16.31 11.69 7.42
CA GLU B 160 17.37 10.82 7.91
C GLU B 160 18.27 10.38 6.75
N VAL B 161 19.33 11.16 6.51
CA VAL B 161 20.30 10.90 5.45
C VAL B 161 21.32 9.89 5.95
N HIS B 162 21.53 8.80 5.20
CA HIS B 162 22.51 7.78 5.54
C HIS B 162 22.54 6.71 4.45
N ILE B 163 23.72 6.12 4.26
CA ILE B 163 23.85 4.93 3.42
C ILE B 163 22.92 3.84 3.95
N ARG B 164 22.27 3.12 3.02
CA ARG B 164 21.26 2.11 3.36
C ARG B 164 21.83 1.02 4.25
N ASP B 165 21.05 0.63 5.27
CA ASP B 165 21.45 -0.37 6.25
C ASP B 165 22.74 0.01 6.97
N ASN B 166 22.99 1.31 7.15
CA ASN B 166 24.17 1.76 7.89
C ASN B 166 23.76 2.87 8.84
N TRP B 167 23.82 2.59 10.14
CA TRP B 167 23.46 3.60 11.13
C TRP B 167 24.66 4.08 11.93
N GLY B 168 25.88 3.84 11.43
CA GLY B 168 27.07 4.26 12.14
C GLY B 168 27.52 5.64 11.74
N LYS B 169 28.63 6.06 12.35
CA LYS B 169 29.12 7.42 12.16
C LYS B 169 29.38 7.70 10.69
N PRO B 170 29.08 8.91 10.20
CA PRO B 170 29.35 9.22 8.79
C PRO B 170 30.85 9.32 8.53
N THR B 171 31.26 9.01 7.30
CA THR B 171 32.60 9.38 6.90
C THR B 171 32.65 10.88 6.65
N ALA B 172 33.88 11.41 6.52
CA ALA B 172 34.02 12.81 6.12
C ALA B 172 33.33 13.06 4.77
N GLU B 173 33.41 12.10 3.85
CA GLU B 173 32.65 12.20 2.61
C GLU B 173 31.15 12.39 2.88
N ASN B 174 30.54 11.46 3.61
CA ASN B 174 29.10 11.54 3.92
C ASN B 174 28.74 12.89 4.54
N LEU B 175 29.54 13.34 5.52
CA LEU B 175 29.24 14.57 6.24
C LEU B 175 29.30 15.77 5.30
N GLU B 176 30.32 15.84 4.47
CA GLU B 176 30.40 16.95 3.52
C GLU B 176 29.14 17.04 2.64
N VAL B 177 28.72 15.91 2.09
CA VAL B 177 27.58 15.92 1.17
C VAL B 177 26.29 16.30 1.92
N GLN B 178 26.04 15.66 3.07
CA GLN B 178 24.80 15.92 3.79
C GLN B 178 24.75 17.34 4.36
N ASN B 179 25.90 17.93 4.77
CA ASN B 179 25.90 19.35 5.15
C ASN B 179 25.59 20.23 3.95
N ALA B 180 26.15 19.91 2.78
CA ALA B 180 25.81 20.64 1.55
C ALA B 180 24.31 20.58 1.22
N TYR B 181 23.59 19.53 1.64
CA TYR B 181 22.14 19.51 1.46
C TYR B 181 21.50 20.63 2.25
N ASN B 182 21.89 20.76 3.52
CA ASN B 182 21.31 21.78 4.40
C ASN B 182 21.54 23.17 3.86
N GLN B 183 22.71 23.41 3.26
CA GLN B 183 23.03 24.74 2.75
C GLN B 183 22.21 25.04 1.50
N ILE B 184 22.09 24.05 0.62
CA ILE B 184 21.28 24.22 -0.58
C ILE B 184 19.83 24.49 -0.23
N PHE B 185 19.32 23.77 0.78
CA PHE B 185 17.95 23.98 1.23
C PHE B 185 17.74 25.42 1.67
N VAL B 186 18.62 25.92 2.56
CA VAL B 186 18.52 27.29 3.03
C VAL B 186 18.58 28.27 1.86
N ASP B 187 19.60 28.14 1.00
CA ASP B 187 19.77 29.07 -0.11
C ASP B 187 18.50 29.20 -0.94
N VAL B 188 17.92 28.07 -1.36
CA VAL B 188 16.82 28.14 -2.32
C VAL B 188 15.54 28.62 -1.66
N VAL B 189 15.28 28.24 -0.41
CA VAL B 189 14.08 28.75 0.26
C VAL B 189 14.16 30.27 0.45
N ARG B 190 15.35 30.80 0.78
CA ARG B 190 15.44 32.24 0.96
C ARG B 190 15.35 32.98 -0.37
N ALA B 191 15.89 32.40 -1.45
CA ALA B 191 15.81 33.02 -2.76
C ALA B 191 14.38 33.18 -3.28
N THR B 192 13.39 32.54 -2.64
CA THR B 192 12.01 32.72 -3.10
C THR B 192 11.34 33.92 -2.44
N GLY B 193 12.02 34.60 -1.52
CA GLY B 193 11.54 35.86 -1.00
C GLY B 193 10.22 35.73 -0.25
N GLY B 194 9.55 36.86 -0.08
CA GLY B 194 8.24 36.84 0.54
C GLY B 194 8.32 36.39 1.98
N ASN B 195 7.28 35.67 2.43
CA ASN B 195 7.23 35.10 3.78
C ASN B 195 8.31 34.04 4.00
N ASN B 196 9.06 33.66 2.97
CA ASN B 196 10.10 32.66 3.12
C ASN B 196 11.46 33.28 3.46
N ALA B 197 11.57 34.61 3.43
CA ALA B 197 12.81 35.29 3.82
C ALA B 197 13.18 34.98 5.26
N LYS B 198 12.20 34.97 6.17
CA LYS B 198 12.44 34.78 7.59
C LYS B 198 11.58 33.66 8.18
N ARG B 199 11.12 32.73 7.34
CA ARG B 199 10.40 31.56 7.81
C ARG B 199 11.35 30.63 8.54
N HIS B 200 10.87 30.10 9.67
CA HIS B 200 11.62 29.11 10.43
C HIS B 200 12.03 27.93 9.55
N LEU B 201 13.34 27.75 9.39
CA LEU B 201 13.87 26.62 8.64
C LEU B 201 14.62 25.71 9.60
N ILE B 202 14.43 24.40 9.42
CA ILE B 202 14.90 23.37 10.33
C ILE B 202 15.87 22.48 9.58
N LEU B 203 17.08 22.35 10.11
CA LEU B 203 18.15 21.56 9.51
C LEU B 203 18.41 20.32 10.35
N GLN B 204 18.98 19.30 9.73
CA GLN B 204 19.12 18.00 10.36
C GLN B 204 20.59 17.68 10.58
N THR B 205 20.87 16.99 11.67
CA THR B 205 22.15 16.31 11.79
C THR B 205 22.15 15.05 10.94
N TYR B 206 23.33 14.46 10.78
CA TYR B 206 23.45 13.25 9.98
C TYR B 206 22.58 12.13 10.57
N VAL B 207 21.71 11.58 9.75
CA VAL B 207 20.74 10.54 10.11
C VAL B 207 19.96 10.93 11.35
N CYS B 208 19.87 12.25 11.59
CA CYS B 208 19.14 12.82 12.73
C CYS B 208 19.68 12.30 14.06
N ASN B 209 20.88 11.75 14.05
CA ASN B 209 21.55 11.35 15.28
C ASN B 209 22.34 12.53 15.84
N PRO B 210 21.97 13.10 17.00
CA PRO B 210 22.70 14.30 17.47
C PRO B 210 24.17 14.10 17.69
N TRP B 211 24.59 12.89 18.07
CA TRP B 211 25.98 12.63 18.36
C TRP B 211 26.85 12.67 17.12
N PHE B 212 26.24 12.57 15.94
CA PHE B 212 26.99 12.73 14.71
C PHE B 212 27.08 14.18 14.26
N GLY B 213 26.38 15.09 14.94
CA GLY B 213 26.58 16.52 14.69
C GLY B 213 27.21 17.36 15.80
N ILE B 214 27.03 16.95 17.05
CA ILE B 214 27.29 17.84 18.18
C ILE B 214 28.77 18.03 18.51
N GLU B 215 29.65 17.16 18.00
CA GLU B 215 31.09 17.24 18.23
C GLU B 215 31.80 17.89 17.04
N ASN B 216 32.86 18.62 17.33
CA ASN B 216 33.85 19.07 16.34
C ASN B 216 33.26 19.94 15.24
N GLY B 217 32.10 20.55 15.47
CA GLY B 217 31.42 21.22 14.36
C GLY B 217 31.10 20.27 13.22
N ASP B 218 30.86 18.99 13.54
CA ASP B 218 30.43 18.04 12.52
C ASP B 218 29.26 18.62 11.73
N PHE B 219 28.18 18.97 12.44
CA PHE B 219 27.11 19.80 11.92
C PHE B 219 27.59 21.21 11.63
N ILE B 220 27.48 21.64 10.37
CA ILE B 220 27.90 22.97 9.96
C ILE B 220 26.67 23.89 9.98
N ILE B 221 26.79 25.02 10.67
CA ILE B 221 25.70 25.99 10.69
C ILE B 221 25.69 26.69 9.34
N PRO B 222 24.60 26.60 8.58
CA PRO B 222 24.60 27.19 7.25
C PRO B 222 24.63 28.71 7.33
N LYS B 223 25.13 29.32 6.26
CA LYS B 223 24.99 30.75 6.00
C LYS B 223 23.57 31.07 5.52
N ASP B 224 22.82 31.78 6.37
CA ASP B 224 21.49 32.26 6.03
C ASP B 224 21.60 33.58 5.25
N ALA B 225 20.47 34.20 4.96
CA ALA B 225 20.46 35.41 4.17
C ALA B 225 20.88 36.60 5.02
N GLU B 226 21.28 37.68 4.33
CA GLU B 226 21.79 38.89 4.98
C GLU B 226 20.82 39.39 6.04
N GLY B 227 21.33 39.55 7.27
CA GLY B 227 20.54 40.07 8.35
C GLY B 227 19.85 39.03 9.19
N ASN B 228 19.79 37.78 8.72
CA ASN B 228 19.15 36.72 9.50
C ASN B 228 20.09 36.17 10.57
N GLY B 229 21.39 36.08 10.26
CA GLY B 229 22.29 35.37 11.14
C GLY B 229 21.90 33.90 11.30
N ASN B 230 21.87 33.44 12.54
CA ASN B 230 21.52 32.10 12.97
C ASN B 230 20.13 32.07 13.57
N ASN B 231 19.44 33.19 13.58
CA ASN B 231 18.28 33.28 14.45
C ASN B 231 17.02 32.68 13.81
N TYR B 232 17.04 32.33 12.53
CA TYR B 232 15.84 31.80 11.88
C TYR B 232 16.04 30.36 11.40
N MET B 233 16.89 29.61 12.11
CA MET B 233 17.20 28.23 11.81
C MET B 233 17.22 27.42 13.10
N SER B 234 16.83 26.15 13.01
CA SER B 234 16.97 25.22 14.13
C SER B 234 17.83 24.03 13.70
N VAL B 235 18.35 23.33 14.71
CA VAL B 235 18.98 22.03 14.52
C VAL B 235 17.94 21.01 14.94
N GLU B 236 17.67 20.04 14.05
CA GLU B 236 16.77 18.95 14.34
C GLU B 236 17.59 17.69 14.57
N PHE B 237 17.23 16.95 15.61
CA PHE B 237 17.67 15.58 15.74
C PHE B 237 16.49 14.76 16.25
N HIS B 238 16.63 13.45 16.15
CA HIS B 238 15.64 12.55 16.72
C HIS B 238 16.25 11.88 17.95
N TYR B 239 15.42 11.70 18.99
CA TYR B 239 15.88 11.23 20.30
C TYR B 239 15.07 10.02 20.77
N TYR B 240 15.39 8.85 20.23
CA TYR B 240 14.79 7.58 20.67
C TYR B 240 15.73 6.88 21.64
N GLN B 241 16.11 7.61 22.69
CA GLN B 241 17.26 7.28 23.53
C GLN B 241 16.87 7.04 24.98
N PRO B 242 17.56 6.10 25.66
CA PRO B 242 18.55 5.17 25.11
C PRO B 242 17.86 4.16 24.20
N TRP B 243 18.50 3.75 23.09
CA TRP B 243 17.82 2.90 22.12
C TRP B 243 17.38 1.58 22.75
N SER B 244 18.13 1.11 23.75
CA SER B 244 17.82 -0.14 24.44
C SER B 244 16.44 -0.12 25.08
N TYR B 245 15.98 1.03 25.58
CA TYR B 245 14.66 1.12 26.20
C TYR B 245 13.56 1.50 25.21
N ALA B 246 13.83 2.46 24.33
CA ALA B 246 12.75 3.02 23.51
C ALA B 246 12.60 2.32 22.18
N GLY B 247 13.69 1.72 21.68
CA GLY B 247 13.69 1.10 20.38
C GLY B 247 13.56 -0.41 20.36
N ASP B 248 14.63 -1.15 20.68
CA ASP B 248 14.68 -2.57 20.38
C ASP B 248 14.27 -3.48 21.55
N CYS B 249 13.64 -2.90 22.60
CA CYS B 249 12.93 -3.67 23.63
C CYS B 249 13.85 -4.50 24.49
N THR B 250 15.10 -4.05 24.67
CA THR B 250 16.05 -4.79 25.51
C THR B 250 15.68 -4.66 26.98
N TYR B 251 15.35 -3.45 27.43
CA TYR B 251 14.87 -3.26 28.80
C TYR B 251 13.41 -2.85 28.76
N ASP B 252 12.67 -3.19 29.82
CA ASP B 252 11.30 -2.73 29.94
C ASP B 252 11.17 -1.53 30.86
N TYR B 253 12.26 -1.10 31.49
CA TYR B 253 12.22 -0.06 32.52
C TYR B 253 13.39 0.91 32.33
N TRP B 254 13.20 2.15 32.79
CA TRP B 254 14.18 3.20 32.58
C TRP B 254 14.25 4.08 33.82
N GLY B 255 15.45 4.55 34.14
CA GLY B 255 15.66 5.57 35.16
C GLY B 255 15.95 5.01 36.54
N ASP B 256 16.68 5.80 37.34
CA ASP B 256 16.95 5.47 38.73
C ASP B 256 15.66 5.39 39.54
N ALA B 257 14.63 6.14 39.15
CA ALA B 257 13.35 6.12 39.87
C ALA B 257 12.69 4.74 39.82
N TYR B 258 12.99 3.96 38.78
CA TYR B 258 12.39 2.64 38.57
C TYR B 258 13.45 1.54 38.62
N LYS B 259 14.45 1.70 39.50
CA LYS B 259 15.47 0.65 39.66
C LYS B 259 14.89 -0.61 40.29
N ASP B 260 13.90 -0.47 41.19
CA ASP B 260 13.31 -1.58 41.91
C ASP B 260 12.28 -2.33 41.10
N ALA B 261 11.84 -1.80 39.96
CA ALA B 261 10.84 -2.48 39.16
C ALA B 261 11.47 -3.57 38.28
N GLY B 262 12.68 -3.34 37.80
CA GLY B 262 13.34 -4.28 36.93
C GLY B 262 14.72 -3.78 36.60
N LYS B 263 15.30 -4.36 35.57
CA LYS B 263 16.63 -3.96 35.10
C LYS B 263 16.54 -2.79 34.13
N ILE B 264 17.42 -1.80 34.31
CA ILE B 264 17.36 -0.55 33.57
C ILE B 264 18.67 -0.37 32.82
N PRO B 265 18.66 0.43 31.75
CA PRO B 265 19.93 0.70 31.04
C PRO B 265 20.79 1.69 31.81
N ALA B 266 22.08 1.69 31.45
CA ALA B 266 23.06 2.56 32.09
C ALA B 266 22.70 4.04 31.90
N ASP B 267 22.25 4.39 30.69
CA ASP B 267 21.81 5.76 30.45
C ASP B 267 20.58 6.06 31.27
N ASN B 268 20.68 7.07 32.13
CA ASN B 268 19.62 7.42 33.08
C ASN B 268 19.19 8.86 32.90
N GLU B 269 18.45 9.39 33.88
CA GLU B 269 18.00 10.78 33.85
C GLU B 269 19.16 11.74 33.64
N LYS B 270 20.32 11.43 34.23
CA LYS B 270 21.42 12.39 34.19
C LYS B 270 22.06 12.43 32.81
N THR B 271 22.34 11.26 32.23
CA THR B 271 22.90 11.22 30.88
C THR B 271 22.04 11.98 29.87
N MET B 272 20.73 12.07 30.14
CA MET B 272 19.82 12.80 29.26
C MET B 272 19.95 14.32 29.42
N THR B 273 19.79 14.81 30.65
CA THR B 273 19.91 16.24 30.90
C THR B 273 21.32 16.74 30.64
N ASP B 274 22.33 15.89 30.83
CA ASP B 274 23.66 16.21 30.35
C ASP B 274 23.65 16.46 28.85
N PHE B 275 23.02 15.58 28.09
CA PHE B 275 23.02 15.76 26.64
C PHE B 275 22.27 17.03 26.25
N PHE B 276 21.06 17.22 26.78
CA PHE B 276 20.31 18.44 26.51
C PHE B 276 21.18 19.69 26.78
N ASP B 277 21.83 19.74 27.97
CA ASP B 277 22.73 20.85 28.32
C ASP B 277 23.82 21.05 27.27
N LYS B 278 24.41 19.94 26.79
CA LYS B 278 25.43 20.04 25.74
C LYS B 278 24.85 20.60 24.44
N ALA B 279 23.56 20.35 24.18
CA ALA B 279 22.96 20.91 22.97
C ALA B 279 22.64 22.38 23.15
N VAL B 280 22.31 22.79 24.37
CA VAL B 280 22.17 24.22 24.66
C VAL B 280 23.51 24.94 24.47
N ASN B 281 24.60 24.31 24.89
CA ASN B 281 25.89 25.00 24.82
C ASN B 281 26.45 25.01 23.40
N THR B 282 26.14 23.97 22.63
CA THR B 282 26.74 23.89 21.31
C THR B 282 25.94 24.69 20.29
N TRP B 283 24.61 24.68 20.39
CA TRP B 283 23.74 25.16 19.32
C TRP B 283 22.84 26.30 19.76
N SER B 284 22.08 26.11 20.83
CA SER B 284 21.15 27.16 21.26
C SER B 284 21.88 28.44 21.67
N ASN B 285 23.05 28.31 22.30
CA ASN B 285 23.80 29.52 22.65
C ASN B 285 24.30 30.27 21.42
N LYS B 286 24.18 29.68 20.24
CA LYS B 286 24.57 30.40 19.04
C LYS B 286 23.37 31.03 18.35
N GLY B 287 22.26 31.17 19.04
CA GLY B 287 21.06 31.73 18.47
C GLY B 287 20.15 30.76 17.74
N LEU B 288 20.54 29.48 17.63
CA LEU B 288 19.76 28.49 16.91
C LEU B 288 18.58 27.95 17.72
N GLY B 289 17.53 27.50 17.02
CA GLY B 289 16.48 26.73 17.66
C GLY B 289 16.93 25.29 17.82
N ILE B 290 16.17 24.54 18.63
CA ILE B 290 16.39 23.09 18.78
C ILE B 290 15.05 22.39 18.59
N VAL B 291 14.98 21.47 17.62
CA VAL B 291 13.77 20.72 17.34
C VAL B 291 14.06 19.24 17.56
N ILE B 292 13.40 18.64 18.56
CA ILE B 292 13.38 17.18 18.67
C ILE B 292 12.24 16.71 17.78
N GLY B 293 12.58 16.44 16.51
CA GLY B 293 11.57 16.12 15.51
C GLY B 293 10.88 14.79 15.70
N ALA B 294 11.52 13.84 16.37
CA ALA B 294 10.88 12.56 16.59
C ALA B 294 11.50 11.92 17.82
N TRP B 295 10.62 11.41 18.69
CA TRP B 295 10.96 10.70 19.91
C TRP B 295 9.75 9.85 20.26
N GLY B 296 10.01 8.79 21.03
CA GLY B 296 8.95 7.97 21.57
C GLY B 296 9.53 6.70 22.16
N VAL B 297 8.66 5.97 22.88
CA VAL B 297 8.98 4.64 23.39
C VAL B 297 7.96 3.66 22.84
N THR B 298 8.45 2.63 22.16
CA THR B 298 7.54 1.64 21.60
C THR B 298 6.87 0.84 22.71
N ASP B 299 5.59 0.53 22.52
CA ASP B 299 4.85 -0.23 23.53
C ASP B 299 5.38 -1.66 23.59
N HIS B 300 6.04 -2.02 24.70
CA HIS B 300 6.59 -3.35 24.86
C HIS B 300 6.65 -3.70 26.34
N TYR B 301 6.20 -4.91 26.68
CA TYR B 301 6.36 -5.42 28.04
C TYR B 301 6.52 -6.93 27.99
N LYS B 302 7.50 -7.45 28.74
CA LYS B 302 7.55 -8.88 29.01
C LYS B 302 6.43 -9.28 29.96
N SER B 303 6.32 -8.57 31.10
CA SER B 303 5.26 -8.82 32.07
C SER B 303 4.93 -7.52 32.78
N ASN B 304 3.74 -7.49 33.40
CA ASN B 304 3.26 -6.39 34.25
C ASN B 304 3.16 -5.09 33.46
N SER B 305 2.18 -5.10 32.55
CA SER B 305 1.99 -3.97 31.65
C SER B 305 1.75 -2.68 32.44
N GLU B 306 0.99 -2.76 33.54
CA GLU B 306 0.78 -1.59 34.39
C GLU B 306 2.10 -0.89 34.72
N LYS B 307 2.99 -1.58 35.45
CA LYS B 307 4.22 -0.96 35.92
C LYS B 307 5.13 -0.48 34.78
N VAL B 308 5.11 -1.17 33.64
CA VAL B 308 5.92 -0.71 32.49
C VAL B 308 5.32 0.56 31.90
N HIS B 309 3.98 0.61 31.80
CA HIS B 309 3.30 1.81 31.31
C HIS B 309 3.42 2.99 32.27
N GLU B 310 3.57 2.75 33.59
CA GLU B 310 3.81 3.87 34.49
C GLU B 310 5.20 4.44 34.26
N ASN B 311 6.19 3.55 34.13
CA ASN B 311 7.56 3.99 33.82
C ASN B 311 7.60 4.73 32.48
N MET B 312 6.80 4.29 31.52
CA MET B 312 6.68 4.97 30.24
C MET B 312 6.09 6.36 30.40
N THR B 313 5.13 6.50 31.32
CA THR B 313 4.59 7.82 31.63
C THR B 313 5.64 8.75 32.22
N TYR B 314 6.50 8.22 33.10
CA TYR B 314 7.55 9.03 33.71
C TYR B 314 8.62 9.42 32.68
N TYR B 315 8.91 8.50 31.76
CA TYR B 315 9.84 8.79 30.66
C TYR B 315 9.29 9.90 29.77
N CYS B 316 8.02 9.80 29.37
CA CYS B 316 7.44 10.83 28.51
C CYS B 316 7.38 12.18 29.24
N LYS B 317 7.13 12.17 30.56
CA LYS B 317 7.06 13.41 31.34
C LYS B 317 8.44 14.04 31.47
N PHE B 318 9.44 13.22 31.77
CA PHE B 318 10.78 13.74 31.99
C PHE B 318 11.36 14.32 30.69
N LEU B 319 11.13 13.64 29.57
CA LEU B 319 11.71 14.10 28.31
C LEU B 319 11.05 15.39 27.85
N THR B 320 9.73 15.45 27.88
CA THR B 320 9.03 16.62 27.36
C THR B 320 9.32 17.85 28.21
N THR B 321 9.28 17.72 29.54
CA THR B 321 9.45 18.90 30.39
C THR B 321 10.90 19.38 30.42
N GLU B 322 11.87 18.45 30.49
CA GLU B 322 13.27 18.86 30.46
C GLU B 322 13.63 19.56 29.15
N ALA B 323 13.09 19.06 28.03
CA ALA B 323 13.31 19.72 26.76
C ALA B 323 12.59 21.06 26.70
N ARG B 324 11.32 21.11 27.11
CA ARG B 324 10.55 22.35 27.07
C ARG B 324 11.23 23.44 27.88
N LYS B 325 11.72 23.08 29.07
CA LYS B 325 12.35 24.03 29.98
C LYS B 325 13.62 24.64 29.38
N ARG B 326 14.22 23.99 28.39
CA ARG B 326 15.41 24.50 27.71
C ARG B 326 15.11 25.17 26.38
N GLY B 327 13.84 25.40 26.05
CA GLY B 327 13.46 26.04 24.80
C GLY B 327 13.32 25.14 23.59
N PHE B 328 13.40 23.82 23.76
CA PHE B 328 13.26 22.94 22.59
C PHE B 328 11.78 22.78 22.23
N SER B 329 11.53 22.46 20.97
CA SER B 329 10.24 21.86 20.62
C SER B 329 10.42 20.35 20.54
N THR B 330 9.32 19.63 20.80
CA THR B 330 9.30 18.17 20.75
C THR B 330 8.12 17.66 19.93
N PHE B 331 8.38 16.66 19.10
CA PHE B 331 7.35 16.05 18.26
C PHE B 331 7.39 14.55 18.45
N VAL B 332 6.39 14.01 19.13
CA VAL B 332 6.36 12.58 19.41
C VAL B 332 5.98 11.81 18.16
N TRP B 333 6.59 10.65 17.97
CA TRP B 333 6.34 9.80 16.82
C TRP B 333 5.07 8.98 17.06
N ASP B 334 4.30 8.77 15.99
CA ASP B 334 3.06 8.01 16.01
C ASP B 334 2.84 7.40 14.64
N ASN B 335 2.83 6.07 14.58
CA ASN B 335 2.67 5.36 13.33
C ASN B 335 1.36 4.58 13.28
N ASN B 336 0.54 4.68 14.33
CA ASN B 336 -0.79 4.06 14.37
C ASN B 336 -0.67 2.53 14.43
N HIS B 337 0.37 2.01 15.08
CA HIS B 337 0.58 0.59 15.32
C HIS B 337 0.58 0.36 16.82
N PHE B 338 -0.16 -0.65 17.28
CA PHE B 338 -0.30 -0.96 18.70
C PHE B 338 0.03 -2.42 18.97
N GLY B 339 0.45 -2.72 20.20
CA GLY B 339 0.84 -4.08 20.53
C GLY B 339 1.99 -4.26 21.49
N ASN B 340 2.97 -5.08 21.11
CA ASN B 340 4.02 -5.43 22.07
C ASN B 340 5.24 -5.84 21.24
N GLY B 341 6.09 -4.86 20.92
CA GLY B 341 7.27 -5.14 20.13
C GLY B 341 7.85 -3.86 19.56
N SER B 342 8.59 -4.03 18.46
CA SER B 342 9.11 -2.89 17.73
C SER B 342 8.00 -2.13 17.04
N GLU B 343 8.29 -0.85 16.75
CA GLU B 343 7.47 -0.03 15.85
C GLU B 343 6.01 0.02 16.30
N LYS B 344 5.79 -0.01 17.61
CA LYS B 344 4.46 0.04 18.19
C LYS B 344 4.28 1.40 18.86
N TYR B 345 4.26 2.44 18.04
CA TYR B 345 4.35 3.83 18.47
C TYR B 345 3.00 4.53 18.45
N GLY B 346 1.91 3.79 18.23
CA GLY B 346 0.62 4.43 18.02
C GLY B 346 0.03 4.96 19.32
N ILE B 347 -0.49 6.18 19.28
CA ILE B 347 -1.14 6.77 20.45
C ILE B 347 -2.64 6.73 20.24
N PHE B 348 -3.11 7.26 19.11
CA PHE B 348 -4.53 7.25 18.81
C PHE B 348 -4.81 6.21 17.73
N ASP B 349 -5.91 5.48 17.89
CA ASP B 349 -6.38 4.58 16.85
C ASP B 349 -7.08 5.39 15.79
N ARG B 350 -6.47 5.49 14.61
CA ARG B 350 -7.04 6.31 13.54
C ARG B 350 -8.21 5.63 12.84
N PHE B 351 -8.43 4.32 13.04
CA PHE B 351 -9.59 3.66 12.44
C PHE B 351 -10.83 3.68 13.31
N LYS B 352 -10.72 4.10 14.59
CA LYS B 352 -11.84 4.08 15.53
C LYS B 352 -11.96 5.45 16.20
N SER B 353 -12.36 6.43 15.39
CA SER B 353 -12.69 7.77 15.88
C SER B 353 -11.56 8.40 16.75
N MET B 354 -10.29 8.08 16.44
CA MET B 354 -9.11 8.63 17.16
C MET B 354 -9.09 8.24 18.63
N LYS B 355 -9.73 7.13 19.01
CA LYS B 355 -9.69 6.70 20.40
C LYS B 355 -8.25 6.55 20.87
N VAL B 356 -8.01 6.92 22.13
CA VAL B 356 -6.68 6.92 22.74
C VAL B 356 -6.42 5.51 23.26
N ASN B 357 -5.69 4.70 22.50
CA ASN B 357 -5.24 3.40 22.95
C ASN B 357 -3.87 3.42 23.61
N ALA B 358 -3.38 4.58 24.02
CA ALA B 358 -2.13 4.66 24.79
C ALA B 358 -2.19 5.85 25.74
N PRO B 359 -3.15 5.85 26.69
CA PRO B 359 -3.27 6.99 27.59
C PRO B 359 -2.03 7.22 28.44
N TRP B 360 -1.13 6.24 28.55
CA TRP B 360 0.05 6.42 29.42
C TRP B 360 1.06 7.36 28.79
N ILE B 361 1.07 7.45 27.46
CA ILE B 361 1.91 8.43 26.78
C ILE B 361 1.37 9.84 27.03
N LEU B 362 0.08 10.05 26.76
CA LEU B 362 -0.57 11.34 26.93
C LEU B 362 -0.61 11.78 28.39
N GLU B 363 -0.56 10.83 29.33
CA GLU B 363 -0.41 11.18 30.74
C GLU B 363 0.97 11.78 31.02
N GLY B 364 2.02 11.25 30.37
CA GLY B 364 3.35 11.79 30.61
C GLY B 364 3.54 13.15 29.99
N ILE B 365 3.08 13.32 28.74
CA ILE B 365 3.26 14.59 28.04
C ILE B 365 2.43 15.68 28.69
N PHE B 366 1.13 15.41 28.87
CA PHE B 366 0.27 16.40 29.50
C PHE B 366 -0.13 16.00 30.93
#